data_9MFJ
# 
_entry.id   9MFJ 
# 
_audit_conform.dict_name       mmcif_pdbx.dic 
_audit_conform.dict_version    5.403 
_audit_conform.dict_location   http://mmcif.pdb.org/dictionaries/ascii/mmcif_pdbx.dic 
# 
loop_
_database_2.database_id 
_database_2.database_code 
_database_2.pdbx_database_accession 
_database_2.pdbx_DOI 
PDB   9MFJ         pdb_00009mfj 10.2210/pdb9mfj/pdb 
WWPDB D_1000289711 ?            ?                   
# 
loop_
_pdbx_audit_revision_history.ordinal 
_pdbx_audit_revision_history.data_content_type 
_pdbx_audit_revision_history.major_revision 
_pdbx_audit_revision_history.minor_revision 
_pdbx_audit_revision_history.revision_date 
_pdbx_audit_revision_history.part_number 
1 'Structure model' 1 0 2025-05-21 ? 
2 'Structure model' 1 1 2025-06-04 ? 
# 
_pdbx_audit_revision_details.ordinal             1 
_pdbx_audit_revision_details.revision_ordinal    1 
_pdbx_audit_revision_details.data_content_type   'Structure model' 
_pdbx_audit_revision_details.provider            repository 
_pdbx_audit_revision_details.type                'Initial release' 
_pdbx_audit_revision_details.description         ? 
_pdbx_audit_revision_details.details             ? 
# 
_pdbx_audit_revision_group.ordinal             1 
_pdbx_audit_revision_group.revision_ordinal    2 
_pdbx_audit_revision_group.data_content_type   'Structure model' 
_pdbx_audit_revision_group.group               'Database references' 
# 
loop_
_pdbx_audit_revision_category.ordinal 
_pdbx_audit_revision_category.revision_ordinal 
_pdbx_audit_revision_category.data_content_type 
_pdbx_audit_revision_category.category 
1 2 'Structure model' citation        
2 2 'Structure model' citation_author 
# 
loop_
_pdbx_audit_revision_item.ordinal 
_pdbx_audit_revision_item.revision_ordinal 
_pdbx_audit_revision_item.data_content_type 
_pdbx_audit_revision_item.item 
1 2 'Structure model' '_citation.journal_volume'          
2 2 'Structure model' '_citation.page_first'              
3 2 'Structure model' '_citation.page_last'               
4 2 'Structure model' '_citation_author.identifier_ORCID' 
# 
_pdbx_database_status.status_code                     REL 
_pdbx_database_status.status_code_sf                  REL 
_pdbx_database_status.status_code_mr                  ? 
_pdbx_database_status.entry_id                        9MFJ 
_pdbx_database_status.recvd_initial_deposition_date   2024-12-09 
_pdbx_database_status.SG_entry                        N 
_pdbx_database_status.deposit_site                    RCSB 
_pdbx_database_status.process_site                    RCSB 
_pdbx_database_status.status_code_cs                  ? 
_pdbx_database_status.status_code_nmr_data            ? 
_pdbx_database_status.methods_development_category    ? 
_pdbx_database_status.pdb_format_compatible           Y 
# 
_pdbx_contact_author.id                 2 
_pdbx_contact_author.email              andyn@uic.edu 
_pdbx_contact_author.name_first         Andy 
_pdbx_contact_author.name_last          Nguyen 
_pdbx_contact_author.name_mi            I 
_pdbx_contact_author.role               'principal investigator/group leader' 
_pdbx_contact_author.identifier_ORCID   0000-0003-4137-6453 
# 
_audit_author.name               'Richardson-Matthews, R.M.' 
_audit_author.pdbx_ordinal       1 
_audit_author.identifier_ORCID   0000-0002-5871-0908 
# 
_citation.abstract                  ? 
_citation.abstract_id_CAS           ? 
_citation.book_id_ISBN              ? 
_citation.book_publisher            ? 
_citation.book_publisher_city       ? 
_citation.book_title                ? 
_citation.coordinate_linkage        ? 
_citation.country                   US 
_citation.database_id_Medline       ? 
_citation.details                   ? 
_citation.id                        primary 
_citation.journal_abbrev            J.Am.Chem.Soc. 
_citation.journal_id_ASTM           JACSAT 
_citation.journal_id_CSD            ? 
_citation.journal_id_ISSN           1520-5126 
_citation.journal_full              ? 
_citation.journal_issue             ? 
_citation.journal_volume            147 
_citation.language                  ? 
_citation.page_first                17433 
_citation.page_last                 17447 
_citation.title                     'Metal-alpha-Helix Peptide Frameworks.' 
_citation.year                      2025 
_citation.database_id_CSD           ? 
_citation.pdbx_database_id_DOI      10.1021/jacs.5c04078 
_citation.pdbx_database_id_PubMed   40328673 
_citation.pdbx_database_id_patent   ? 
_citation.unpublished_flag          ? 
# 
loop_
_citation_author.citation_id 
_citation_author.name 
_citation_author.ordinal 
_citation_author.identifier_ORCID 
primary 'Richardson-Matthews, R.' 1 ? 
primary 'Velko, K.'               2 ? 
primary 'Bhunia, B.'              3 ? 
primary 'Ghosh, S.'               4 ? 
primary 'Oktawiec, J.'            5 ? 
primary 'Brunzelle, J.S.'         6 ? 
primary 'Dang, V.T.'              7 ? 
primary 'Nguyen, A.I.'            8 ? 
# 
loop_
_entity.id 
_entity.type 
_entity.src_method 
_entity.pdbx_description 
_entity.formula_weight 
_entity.pdbx_number_of_molecules 
_entity.pdbx_ec 
_entity.pdbx_mutation 
_entity.pdbx_fragment 
_entity.details 
1 polymer     syn 'Zn-MAHF-9 A8S' 991.187 2  ? ? ? ? 
2 non-polymer syn 'ZINC ION'      65.409  1  ? ? ? ? 
3 water       nat water           18.015  23 ? ? ? ? 
# 
_entity_poly.entity_id                      1 
_entity_poly.type                           'polypeptide(L)' 
_entity_poly.nstd_linkage                   no 
_entity_poly.nstd_monomer                   yes 
_entity_poly.pdbx_seq_one_letter_code       '(ACE)L(AIB)E(AIB)LHS(AIB)L(NH2)' 
_entity_poly.pdbx_seq_one_letter_code_can   XLAEALHSALX 
_entity_poly.pdbx_strand_id                 A,B 
_entity_poly.pdbx_target_identifier         ? 
# 
loop_
_pdbx_entity_nonpoly.entity_id 
_pdbx_entity_nonpoly.name 
_pdbx_entity_nonpoly.comp_id 
2 'ZINC ION' ZN  
3 water      HOH 
# 
loop_
_entity_poly_seq.entity_id 
_entity_poly_seq.num 
_entity_poly_seq.mon_id 
_entity_poly_seq.hetero 
1 1  ACE n 
1 2  LEU n 
1 3  AIB n 
1 4  GLU n 
1 5  AIB n 
1 6  LEU n 
1 7  HIS n 
1 8  SER n 
1 9  AIB n 
1 10 LEU n 
1 11 NH2 n 
# 
_pdbx_entity_src_syn.entity_id              1 
_pdbx_entity_src_syn.pdbx_src_id            1 
_pdbx_entity_src_syn.pdbx_alt_source_flag   sample 
_pdbx_entity_src_syn.pdbx_beg_seq_num       1 
_pdbx_entity_src_syn.pdbx_end_seq_num       11 
_pdbx_entity_src_syn.organism_scientific    'synthetic construct' 
_pdbx_entity_src_syn.organism_common_name   ? 
_pdbx_entity_src_syn.ncbi_taxonomy_id       32630 
_pdbx_entity_src_syn.details                ? 
# 
loop_
_chem_comp.id 
_chem_comp.type 
_chem_comp.mon_nstd_flag 
_chem_comp.name 
_chem_comp.pdbx_synonyms 
_chem_comp.formula 
_chem_comp.formula_weight 
ACE non-polymer         . 'ACETYL GROUP'               ? 'C2 H4 O'        44.053  
AIB 'L-peptide linking' n 'ALPHA-AMINOISOBUTYRIC ACID' ? 'C4 H9 N O2'     103.120 
GLU 'L-peptide linking' y 'GLUTAMIC ACID'              ? 'C5 H9 N O4'     147.129 
HIS 'L-peptide linking' y HISTIDINE                    ? 'C6 H10 N3 O2 1' 156.162 
HOH non-polymer         . WATER                        ? 'H2 O'           18.015  
LEU 'L-peptide linking' y LEUCINE                      ? 'C6 H13 N O2'    131.173 
NH2 non-polymer         . 'AMINO GROUP'                ? 'H2 N'           16.023  
SER 'L-peptide linking' y SERINE                       ? 'C3 H7 N O3'     105.093 
ZN  non-polymer         . 'ZINC ION'                   ? 'Zn 2'           65.409  
# 
loop_
_pdbx_poly_seq_scheme.asym_id 
_pdbx_poly_seq_scheme.entity_id 
_pdbx_poly_seq_scheme.seq_id 
_pdbx_poly_seq_scheme.mon_id 
_pdbx_poly_seq_scheme.ndb_seq_num 
_pdbx_poly_seq_scheme.pdb_seq_num 
_pdbx_poly_seq_scheme.auth_seq_num 
_pdbx_poly_seq_scheme.pdb_mon_id 
_pdbx_poly_seq_scheme.auth_mon_id 
_pdbx_poly_seq_scheme.pdb_strand_id 
_pdbx_poly_seq_scheme.pdb_ins_code 
_pdbx_poly_seq_scheme.hetero 
A 1 1  ACE 1  1  1  ACE ACY A . n 
A 1 2  LEU 2  2  2  LEU LEU A . n 
A 1 3  AIB 3  3  3  AIB AIB A . n 
A 1 4  GLU 4  4  4  GLU GLU A . n 
A 1 5  AIB 5  5  5  AIB AIB A . n 
A 1 6  LEU 6  6  6  LEU LEU A . n 
A 1 7  HIS 7  7  7  HIS HIS A . n 
A 1 8  SER 8  8  8  SER SER A . n 
A 1 9  AIB 9  9  9  AIB AIB A . n 
A 1 10 LEU 10 10 10 LEU LEU A . n 
A 1 11 NH2 11 11 11 NH2 NH3 A . n 
B 1 1  ACE 1  1  1  ACE ACY B . n 
B 1 2  LEU 2  2  2  LEU LEU B . n 
B 1 3  AIB 3  3  3  AIB AIB B . n 
B 1 4  GLU 4  4  4  GLU GLU B . n 
B 1 5  AIB 5  5  5  AIB AIB B . n 
B 1 6  LEU 6  6  6  LEU LEU B . n 
B 1 7  HIS 7  7  7  HIS HIS B . n 
B 1 8  SER 8  8  8  SER SER B . n 
B 1 9  AIB 9  9  9  AIB AIB B . n 
B 1 10 LEU 10 10 10 LEU LEU B . n 
B 1 11 NH2 11 11 11 NH2 NH3 B . n 
# 
loop_
_pdbx_nonpoly_scheme.asym_id 
_pdbx_nonpoly_scheme.entity_id 
_pdbx_nonpoly_scheme.mon_id 
_pdbx_nonpoly_scheme.ndb_seq_num 
_pdbx_nonpoly_scheme.pdb_seq_num 
_pdbx_nonpoly_scheme.auth_seq_num 
_pdbx_nonpoly_scheme.pdb_mon_id 
_pdbx_nonpoly_scheme.auth_mon_id 
_pdbx_nonpoly_scheme.pdb_strand_id 
_pdbx_nonpoly_scheme.pdb_ins_code 
C 2 ZN  1  101 1  ZN  ZN  B . 
D 3 HOH 1  101 9  HOH HOH A . 
D 3 HOH 2  102 8  HOH HOH A . 
D 3 HOH 3  103 15 HOH HOH A . 
D 3 HOH 4  104 17 HOH HOH A . 
D 3 HOH 5  105 2  HOH HOH A . 
D 3 HOH 6  106 12 HOH HOH A . 
D 3 HOH 7  107 5  HOH HOH A . 
D 3 HOH 8  108 22 HOH HOH A . 
D 3 HOH 9  109 19 HOH HOH A . 
D 3 HOH 10 110 21 HOH HOH A . 
D 3 HOH 11 111 20 HOH HOH A . 
E 3 HOH 1  201 11 HOH HOH B . 
E 3 HOH 2  202 1  HOH HOH B . 
E 3 HOH 3  203 7  HOH HOH B . 
E 3 HOH 4  204 10 HOH HOH B . 
E 3 HOH 5  205 13 HOH HOH B . 
E 3 HOH 6  206 6  HOH HOH B . 
E 3 HOH 7  207 4  HOH HOH B . 
E 3 HOH 8  208 14 HOH HOH B . 
E 3 HOH 9  209 3  HOH HOH B . 
E 3 HOH 10 210 18 HOH HOH B . 
E 3 HOH 11 211 16 HOH HOH B . 
E 3 HOH 12 212 23 HOH HOH B . 
# 
loop_
_software.citation_id 
_software.classification 
_software.compiler_name 
_software.compiler_version 
_software.contact_author 
_software.contact_author_email 
_software.date 
_software.description 
_software.dependencies 
_software.hardware 
_software.language 
_software.location 
_software.mods 
_software.name 
_software.os 
_software.os_version 
_software.type 
_software.version 
_software.pdbx_ordinal 
? refinement       ? ? ? ? ? ? ? ? ? ? ? PHENIX ? ? ? 1.21.2_5419 1 
? 'data reduction' ? ? ? ? ? ? ? ? ? ? ? XDS    ? ? ? .           2 
? 'data scaling'   ? ? ? ? ? ? ? ? ? ? ? XDS    ? ? ? .           3 
? phasing          ? ? ? ? ? ? ? ? ? ? ? PHASER ? ? ? .           4 
# 
_cell.angle_alpha                  90.000 
_cell.angle_alpha_esd              ? 
_cell.angle_beta                   110.476 
_cell.angle_beta_esd               ? 
_cell.angle_gamma                  90.000 
_cell.angle_gamma_esd              ? 
_cell.entry_id                     9MFJ 
_cell.details                      ? 
_cell.formula_units_Z              ? 
_cell.length_a                     19.273 
_cell.length_a_esd                 ? 
_cell.length_b                     16.128 
_cell.length_b_esd                 ? 
_cell.length_c                     24.966 
_cell.length_c_esd                 ? 
_cell.volume                       7270.000 
_cell.volume_esd                   ? 
_cell.Z_PDB                        4 
_cell.reciprocal_angle_alpha       ? 
_cell.reciprocal_angle_beta        ? 
_cell.reciprocal_angle_gamma       ? 
_cell.reciprocal_angle_alpha_esd   ? 
_cell.reciprocal_angle_beta_esd    ? 
_cell.reciprocal_angle_gamma_esd   ? 
_cell.reciprocal_length_a          ? 
_cell.reciprocal_length_b          ? 
_cell.reciprocal_length_c          ? 
_cell.reciprocal_length_a_esd      ? 
_cell.reciprocal_length_b_esd      ? 
_cell.reciprocal_length_c_esd      ? 
_cell.pdbx_unique_axis             ? 
_cell.pdbx_esd_method              ? 
# 
_symmetry.entry_id                         9MFJ 
_symmetry.cell_setting                     ? 
_symmetry.Int_Tables_number                4 
_symmetry.space_group_name_Hall            'P 2yb' 
_symmetry.space_group_name_H-M             'P 1 21 1' 
_symmetry.pdbx_full_space_group_name_H-M   ? 
# 
_exptl.absorpt_coefficient_mu     ? 
_exptl.absorpt_correction_T_max   ? 
_exptl.absorpt_correction_T_min   ? 
_exptl.absorpt_correction_type    ? 
_exptl.absorpt_process_details    ? 
_exptl.entry_id                   9MFJ 
_exptl.crystals_number            1 
_exptl.details                    ? 
_exptl.method                     'X-RAY DIFFRACTION' 
_exptl.method_details             ? 
# 
_exptl_crystal.colour                       ? 
_exptl_crystal.density_diffrn               ? 
_exptl_crystal.density_Matthews             1.80 
_exptl_crystal.density_method               ? 
_exptl_crystal.density_percent_sol          31.77 
_exptl_crystal.description                  ? 
_exptl_crystal.F_000                        ? 
_exptl_crystal.id                           1 
_exptl_crystal.preparation                  ? 
_exptl_crystal.size_max                     ? 
_exptl_crystal.size_mid                     ? 
_exptl_crystal.size_min                     ? 
_exptl_crystal.size_rad                     ? 
_exptl_crystal.colour_lustre                ? 
_exptl_crystal.colour_modifier              ? 
_exptl_crystal.colour_primary               ? 
_exptl_crystal.density_meas                 ? 
_exptl_crystal.density_meas_esd             ? 
_exptl_crystal.density_meas_gt              ? 
_exptl_crystal.density_meas_lt              ? 
_exptl_crystal.density_meas_temp            ? 
_exptl_crystal.density_meas_temp_esd        ? 
_exptl_crystal.density_meas_temp_gt         ? 
_exptl_crystal.density_meas_temp_lt         ? 
_exptl_crystal.pdbx_crystal_image_url       ? 
_exptl_crystal.pdbx_crystal_image_format    ? 
_exptl_crystal.pdbx_mosaicity               ? 
_exptl_crystal.pdbx_mosaicity_esd           ? 
_exptl_crystal.pdbx_mosaic_method           ? 
_exptl_crystal.pdbx_mosaic_block_size       ? 
_exptl_crystal.pdbx_mosaic_block_size_esd   ? 
# 
_exptl_crystal_grow.apparatus       ? 
_exptl_crystal_grow.atmosphere      ? 
_exptl_crystal_grow.crystal_id      1 
_exptl_crystal_grow.details         ? 
_exptl_crystal_grow.method          'SLOW COOLING' 
_exptl_crystal_grow.method_ref      ? 
_exptl_crystal_grow.pH              ? 
_exptl_crystal_grow.pressure        ? 
_exptl_crystal_grow.pressure_esd    ? 
_exptl_crystal_grow.seeding         ? 
_exptl_crystal_grow.seeding_ref     ? 
_exptl_crystal_grow.temp_details    ? 
_exptl_crystal_grow.temp_esd        ? 
_exptl_crystal_grow.time            ? 
_exptl_crystal_grow.pdbx_details    'water, acetonitrile, sodium hydroxide, zinc chloride' 
_exptl_crystal_grow.pdbx_pH_range   ? 
_exptl_crystal_grow.temp            298 
# 
_diffrn.ambient_environment              ? 
_diffrn.ambient_temp                     100 
_diffrn.ambient_temp_details             ? 
_diffrn.ambient_temp_esd                 ? 
_diffrn.crystal_id                       1 
_diffrn.crystal_support                  ? 
_diffrn.crystal_treatment                ? 
_diffrn.details                          ? 
_diffrn.id                               1 
_diffrn.ambient_pressure                 ? 
_diffrn.ambient_pressure_esd             ? 
_diffrn.ambient_pressure_gt              ? 
_diffrn.ambient_pressure_lt              ? 
_diffrn.ambient_temp_gt                  ? 
_diffrn.ambient_temp_lt                  ? 
_diffrn.pdbx_serial_crystal_experiment   N 
# 
_diffrn_detector.details                      ? 
_diffrn_detector.detector                     PIXEL 
_diffrn_detector.diffrn_id                    1 
_diffrn_detector.type                         'DECTRIS EIGER X 16M' 
_diffrn_detector.area_resol_mean              ? 
_diffrn_detector.dtime                        ? 
_diffrn_detector.pdbx_frames_total            ? 
_diffrn_detector.pdbx_collection_time_total   ? 
_diffrn_detector.pdbx_collection_date         2024-10-20 
_diffrn_detector.pdbx_frequency               ? 
_diffrn_detector.id                           ? 
_diffrn_detector.number_of_axes               ? 
# 
_diffrn_radiation.collimation                      ? 
_diffrn_radiation.diffrn_id                        1 
_diffrn_radiation.filter_edge                      ? 
_diffrn_radiation.inhomogeneity                    ? 
_diffrn_radiation.monochromator                    ? 
_diffrn_radiation.polarisn_norm                    ? 
_diffrn_radiation.polarisn_ratio                   ? 
_diffrn_radiation.probe                            ? 
_diffrn_radiation.type                             ? 
_diffrn_radiation.xray_symbol                      ? 
_diffrn_radiation.wavelength_id                    1 
_diffrn_radiation.pdbx_monochromatic_or_laue_m_l   M 
_diffrn_radiation.pdbx_wavelength_list             ? 
_diffrn_radiation.pdbx_wavelength                  ? 
_diffrn_radiation.pdbx_diffrn_protocol             'SINGLE WAVELENGTH' 
_diffrn_radiation.pdbx_analyzer                    ? 
_diffrn_radiation.pdbx_scattering_type             x-ray 
# 
_diffrn_radiation_wavelength.id           1 
_diffrn_radiation_wavelength.wavelength   0.688797 
_diffrn_radiation_wavelength.wt           1.0 
# 
_diffrn_source.current                     ? 
_diffrn_source.details                     ? 
_diffrn_source.diffrn_id                   1 
_diffrn_source.power                       ? 
_diffrn_source.size                        ? 
_diffrn_source.source                      SYNCHROTRON 
_diffrn_source.target                      ? 
_diffrn_source.type                        'MAX IV BEAMLINE BioMAX' 
_diffrn_source.voltage                     ? 
_diffrn_source.take-off_angle              ? 
_diffrn_source.pdbx_wavelength_list        0.688797 
_diffrn_source.pdbx_wavelength             ? 
_diffrn_source.pdbx_synchrotron_beamline   BioMAX 
_diffrn_source.pdbx_synchrotron_site       'MAX IV' 
# 
_reflns.B_iso_Wilson_estimate                          3.54 
_reflns.entry_id                                       9MFJ 
_reflns.data_reduction_details                         ? 
_reflns.data_reduction_method                          ? 
_reflns.d_resolution_high                              0.88 
_reflns.d_resolution_low                               18.06 
_reflns.details                                        ? 
_reflns.limit_h_max                                    ? 
_reflns.limit_h_min                                    ? 
_reflns.limit_k_max                                    ? 
_reflns.limit_k_min                                    ? 
_reflns.limit_l_max                                    ? 
_reflns.limit_l_min                                    ? 
_reflns.number_all                                     ? 
_reflns.number_obs                                     11554 
_reflns.observed_criterion                             ? 
_reflns.observed_criterion_F_max                       ? 
_reflns.observed_criterion_F_min                       ? 
_reflns.observed_criterion_I_max                       ? 
_reflns.observed_criterion_I_min                       ? 
_reflns.observed_criterion_sigma_F                     ? 
_reflns.observed_criterion_sigma_I                     ? 
_reflns.percent_possible_obs                           99.24 
_reflns.R_free_details                                 ? 
_reflns.Rmerge_F_all                                   ? 
_reflns.Rmerge_F_obs                                   ? 
_reflns.Friedel_coverage                               ? 
_reflns.number_gt                                      ? 
_reflns.threshold_expression                           ? 
_reflns.pdbx_redundancy                                5.3 
_reflns.pdbx_netI_over_av_sigmaI                       ? 
_reflns.pdbx_netI_over_sigmaI                          18.65 
_reflns.pdbx_res_netI_over_av_sigmaI_2                 ? 
_reflns.pdbx_res_netI_over_sigmaI_2                    ? 
_reflns.pdbx_chi_squared                               ? 
_reflns.pdbx_scaling_rejects                           ? 
_reflns.pdbx_d_res_high_opt                            ? 
_reflns.pdbx_d_res_low_opt                             ? 
_reflns.pdbx_d_res_opt_method                          ? 
_reflns.phase_calculation_details                      ? 
_reflns.pdbx_Rrim_I_all                                ? 
_reflns.pdbx_Rpim_I_all                                ? 
_reflns.pdbx_d_opt                                     ? 
_reflns.pdbx_number_measured_all                       ? 
_reflns.pdbx_diffrn_id                                 1 
_reflns.pdbx_ordinal                                   1 
_reflns.pdbx_CC_half                                   0.997 
_reflns.pdbx_CC_star                                   ? 
_reflns.pdbx_R_split                                   ? 
_reflns.pdbx_Rmerge_I_obs                              ? 
_reflns.pdbx_Rmerge_I_all                              ? 
_reflns.pdbx_Rsym_value                                ? 
_reflns.pdbx_CC_split_method                           ? 
_reflns.pdbx_aniso_diffraction_limit_axis_1_ortho[1]   ? 
_reflns.pdbx_aniso_diffraction_limit_axis_1_ortho[2]   ? 
_reflns.pdbx_aniso_diffraction_limit_axis_1_ortho[3]   ? 
_reflns.pdbx_aniso_diffraction_limit_axis_2_ortho[1]   ? 
_reflns.pdbx_aniso_diffraction_limit_axis_2_ortho[2]   ? 
_reflns.pdbx_aniso_diffraction_limit_axis_2_ortho[3]   ? 
_reflns.pdbx_aniso_diffraction_limit_axis_3_ortho[1]   ? 
_reflns.pdbx_aniso_diffraction_limit_axis_3_ortho[2]   ? 
_reflns.pdbx_aniso_diffraction_limit_axis_3_ortho[3]   ? 
_reflns.pdbx_aniso_diffraction_limit_1                 ? 
_reflns.pdbx_aniso_diffraction_limit_2                 ? 
_reflns.pdbx_aniso_diffraction_limit_3                 ? 
_reflns.pdbx_aniso_B_tensor_eigenvector_1_ortho[1]     ? 
_reflns.pdbx_aniso_B_tensor_eigenvector_1_ortho[2]     ? 
_reflns.pdbx_aniso_B_tensor_eigenvector_1_ortho[3]     ? 
_reflns.pdbx_aniso_B_tensor_eigenvector_2_ortho[1]     ? 
_reflns.pdbx_aniso_B_tensor_eigenvector_2_ortho[2]     ? 
_reflns.pdbx_aniso_B_tensor_eigenvector_2_ortho[3]     ? 
_reflns.pdbx_aniso_B_tensor_eigenvector_3_ortho[1]     ? 
_reflns.pdbx_aniso_B_tensor_eigenvector_3_ortho[2]     ? 
_reflns.pdbx_aniso_B_tensor_eigenvector_3_ortho[3]     ? 
_reflns.pdbx_aniso_B_tensor_eigenvalue_1               ? 
_reflns.pdbx_aniso_B_tensor_eigenvalue_2               ? 
_reflns.pdbx_aniso_B_tensor_eigenvalue_3               ? 
_reflns.pdbx_orthogonalization_convention              ? 
_reflns.pdbx_percent_possible_ellipsoidal              ? 
_reflns.pdbx_percent_possible_spherical                ? 
_reflns.pdbx_percent_possible_ellipsoidal_anomalous    ? 
_reflns.pdbx_percent_possible_spherical_anomalous      ? 
_reflns.pdbx_redundancy_anomalous                      ? 
_reflns.pdbx_CC_half_anomalous                         ? 
_reflns.pdbx_absDiff_over_sigma_anomalous              ? 
_reflns.pdbx_percent_possible_anomalous                ? 
_reflns.pdbx_observed_signal_threshold                 ? 
_reflns.pdbx_signal_type                               ? 
_reflns.pdbx_signal_details                            ? 
_reflns.pdbx_signal_software_id                        ? 
# 
_reflns_shell.d_res_high                                    0.88 
_reflns_shell.d_res_low                                     0.9115 
_reflns_shell.meanI_over_sigI_all                           ? 
_reflns_shell.meanI_over_sigI_obs                           ? 
_reflns_shell.number_measured_all                           ? 
_reflns_shell.number_measured_obs                           ? 
_reflns_shell.number_possible                               ? 
_reflns_shell.number_unique_all                             ? 
_reflns_shell.number_unique_obs                             1126 
_reflns_shell.percent_possible_obs                          ? 
_reflns_shell.Rmerge_F_all                                  ? 
_reflns_shell.Rmerge_F_obs                                  ? 
_reflns_shell.meanI_over_sigI_gt                            ? 
_reflns_shell.meanI_over_uI_all                             ? 
_reflns_shell.meanI_over_uI_gt                              ? 
_reflns_shell.number_measured_gt                            ? 
_reflns_shell.number_unique_gt                              ? 
_reflns_shell.percent_possible_gt                           ? 
_reflns_shell.Rmerge_F_gt                                   ? 
_reflns_shell.Rmerge_I_gt                                   ? 
_reflns_shell.pdbx_redundancy                               ? 
_reflns_shell.pdbx_chi_squared                              ? 
_reflns_shell.pdbx_netI_over_sigmaI_all                     ? 
_reflns_shell.pdbx_netI_over_sigmaI_obs                     ? 
_reflns_shell.pdbx_Rrim_I_all                               ? 
_reflns_shell.pdbx_Rpim_I_all                               ? 
_reflns_shell.pdbx_rejects                                  ? 
_reflns_shell.pdbx_ordinal                                  1 
_reflns_shell.pdbx_diffrn_id                                1 
_reflns_shell.pdbx_CC_half                                  0.982 
_reflns_shell.pdbx_CC_star                                  ? 
_reflns_shell.pdbx_R_split                                  ? 
_reflns_shell.percent_possible_all                          ? 
_reflns_shell.Rmerge_I_all                                  ? 
_reflns_shell.Rmerge_I_obs                                  ? 
_reflns_shell.pdbx_Rsym_value                               ? 
_reflns_shell.pdbx_percent_possible_ellipsoidal             ? 
_reflns_shell.pdbx_percent_possible_spherical               ? 
_reflns_shell.pdbx_percent_possible_ellipsoidal_anomalous   ? 
_reflns_shell.pdbx_percent_possible_spherical_anomalous     ? 
_reflns_shell.pdbx_redundancy_anomalous                     ? 
_reflns_shell.pdbx_CC_half_anomalous                        ? 
_reflns_shell.pdbx_absDiff_over_sigma_anomalous             ? 
_reflns_shell.pdbx_percent_possible_anomalous               ? 
# 
_refine.aniso_B[1][1]                            ? 
_refine.aniso_B[1][2]                            ? 
_refine.aniso_B[1][3]                            ? 
_refine.aniso_B[2][2]                            ? 
_refine.aniso_B[2][3]                            ? 
_refine.aniso_B[3][3]                            ? 
_refine.B_iso_max                                ? 
_refine.B_iso_mean                               5.04 
_refine.B_iso_min                                ? 
_refine.correlation_coeff_Fo_to_Fc               ? 
_refine.correlation_coeff_Fo_to_Fc_free          ? 
_refine.details                                  ? 
_refine.diff_density_max                         ? 
_refine.diff_density_max_esd                     ? 
_refine.diff_density_min                         ? 
_refine.diff_density_min_esd                     ? 
_refine.diff_density_rms                         ? 
_refine.diff_density_rms_esd                     ? 
_refine.entry_id                                 9MFJ 
_refine.pdbx_refine_id                           'X-RAY DIFFRACTION' 
_refine.ls_abs_structure_details                 ? 
_refine.ls_abs_structure_Flack                   ? 
_refine.ls_abs_structure_Flack_esd               ? 
_refine.ls_abs_structure_Rogers                  ? 
_refine.ls_abs_structure_Rogers_esd              ? 
_refine.ls_d_res_high                            0.88 
_refine.ls_d_res_low                             18.06 
_refine.ls_extinction_coef                       ? 
_refine.ls_extinction_coef_esd                   ? 
_refine.ls_extinction_expression                 ? 
_refine.ls_extinction_method                     ? 
_refine.ls_goodness_of_fit_all                   ? 
_refine.ls_goodness_of_fit_all_esd               ? 
_refine.ls_goodness_of_fit_obs                   ? 
_refine.ls_goodness_of_fit_obs_esd               ? 
_refine.ls_hydrogen_treatment                    ? 
_refine.ls_matrix_type                           ? 
_refine.ls_number_constraints                    ? 
_refine.ls_number_parameters                     ? 
_refine.ls_number_reflns_all                     ? 
_refine.ls_number_reflns_obs                     11554 
_refine.ls_number_reflns_R_free                  2160 
_refine.ls_number_reflns_R_work                  19725 
_refine.ls_number_restraints                     ? 
_refine.ls_percent_reflns_obs                    97.88 
_refine.ls_percent_reflns_R_free                 9.87 
_refine.ls_R_factor_all                          ? 
_refine.ls_R_factor_obs                          0.0862 
_refine.ls_R_factor_R_free                       0.0881 
_refine.ls_R_factor_R_free_error                 ? 
_refine.ls_R_factor_R_free_error_details         ? 
_refine.ls_R_factor_R_work                       0.0860 
_refine.ls_R_Fsqd_factor_obs                     ? 
_refine.ls_R_I_factor_obs                        ? 
_refine.ls_redundancy_reflns_all                 ? 
_refine.ls_redundancy_reflns_obs                 ? 
_refine.ls_restrained_S_all                      ? 
_refine.ls_restrained_S_obs                      ? 
_refine.ls_shift_over_esd_max                    ? 
_refine.ls_shift_over_esd_mean                   ? 
_refine.ls_structure_factor_coef                 ? 
_refine.ls_weighting_details                     ? 
_refine.ls_weighting_scheme                      ? 
_refine.ls_wR_factor_all                         ? 
_refine.ls_wR_factor_obs                         ? 
_refine.ls_wR_factor_R_free                      ? 
_refine.ls_wR_factor_R_work                      ? 
_refine.occupancy_max                            ? 
_refine.occupancy_min                            ? 
_refine.solvent_model_details                    'FLAT BULK SOLVENT MODEL' 
_refine.solvent_model_param_bsol                 ? 
_refine.solvent_model_param_ksol                 ? 
_refine.pdbx_R_complete                          ? 
_refine.ls_R_factor_gt                           ? 
_refine.ls_goodness_of_fit_gt                    ? 
_refine.ls_goodness_of_fit_ref                   ? 
_refine.ls_shift_over_su_max                     ? 
_refine.ls_shift_over_su_max_lt                  ? 
_refine.ls_shift_over_su_mean                    ? 
_refine.ls_shift_over_su_mean_lt                 ? 
_refine.pdbx_ls_sigma_I                          ? 
_refine.pdbx_ls_sigma_F                          1.39 
_refine.pdbx_ls_sigma_Fsqd                       ? 
_refine.pdbx_data_cutoff_high_absF               ? 
_refine.pdbx_data_cutoff_high_rms_absF           ? 
_refine.pdbx_data_cutoff_low_absF                ? 
_refine.pdbx_isotropic_thermal_model             ? 
_refine.pdbx_ls_cross_valid_method               'FREE R-VALUE' 
_refine.pdbx_method_to_determine_struct          'MOLECULAR REPLACEMENT' 
_refine.pdbx_starting_model                      ? 
_refine.pdbx_stereochemistry_target_values       'GeoStd + Monomer Library + CDL v1.2' 
_refine.pdbx_R_Free_selection_details            ? 
_refine.pdbx_stereochem_target_val_spec_case     ? 
_refine.pdbx_overall_ESU_R                       ? 
_refine.pdbx_overall_ESU_R_Free                  ? 
_refine.pdbx_solvent_vdw_probe_radii             1.1000 
_refine.pdbx_solvent_ion_probe_radii             ? 
_refine.pdbx_solvent_shrinkage_radii             0.9000 
_refine.pdbx_real_space_R                        ? 
_refine.pdbx_density_correlation                 ? 
_refine.pdbx_pd_number_of_powder_patterns        ? 
_refine.pdbx_pd_number_of_points                 ? 
_refine.pdbx_pd_meas_number_of_points            ? 
_refine.pdbx_pd_proc_ls_prof_R_factor            ? 
_refine.pdbx_pd_proc_ls_prof_wR_factor           ? 
_refine.pdbx_pd_Marquardt_correlation_coeff      ? 
_refine.pdbx_pd_Fsqrd_R_factor                   ? 
_refine.pdbx_pd_ls_matrix_band_width             ? 
_refine.pdbx_overall_phase_error                 6.8922 
_refine.pdbx_overall_SU_R_free_Cruickshank_DPI   ? 
_refine.pdbx_overall_SU_R_free_Blow_DPI          ? 
_refine.pdbx_overall_SU_R_Blow_DPI               ? 
_refine.pdbx_TLS_residual_ADP_flag               ? 
_refine.pdbx_diffrn_id                           1 
_refine.overall_SU_B                             ? 
_refine.overall_SU_ML                            0.0467 
_refine.overall_SU_R_Cruickshank_DPI             ? 
_refine.overall_SU_R_free                        ? 
_refine.overall_FOM_free_R_set                   ? 
_refine.overall_FOM_work_R_set                   ? 
_refine.pdbx_average_fsc_overall                 ? 
_refine.pdbx_average_fsc_work                    ? 
_refine.pdbx_average_fsc_free                    ? 
# 
_refine_hist.pdbx_refine_id                   'X-RAY DIFFRACTION' 
_refine_hist.cycle_id                         LAST 
_refine_hist.details                          ? 
_refine_hist.d_res_high                       0.88 
_refine_hist.d_res_low                        18.06 
_refine_hist.number_atoms_solvent             23 
_refine_hist.number_atoms_total               166 
_refine_hist.number_reflns_all                ? 
_refine_hist.number_reflns_obs                ? 
_refine_hist.number_reflns_R_free             ? 
_refine_hist.number_reflns_R_work             ? 
_refine_hist.R_factor_all                     ? 
_refine_hist.R_factor_obs                     ? 
_refine_hist.R_factor_R_free                  ? 
_refine_hist.R_factor_R_work                  ? 
_refine_hist.pdbx_number_residues_total       ? 
_refine_hist.pdbx_B_iso_mean_ligand           ? 
_refine_hist.pdbx_B_iso_mean_solvent          ? 
_refine_hist.pdbx_number_atoms_protein        134 
_refine_hist.pdbx_number_atoms_nucleic_acid   0 
_refine_hist.pdbx_number_atoms_ligand         9 
_refine_hist.pdbx_number_atoms_lipid          ? 
_refine_hist.pdbx_number_atoms_carb           ? 
_refine_hist.pdbx_pseudo_atom_details         ? 
# 
loop_
_refine_ls_restr.pdbx_refine_id 
_refine_ls_restr.criterion 
_refine_ls_restr.dev_ideal 
_refine_ls_restr.dev_ideal_target 
_refine_ls_restr.number 
_refine_ls_restr.rejects 
_refine_ls_restr.type 
_refine_ls_restr.weight 
_refine_ls_restr.pdbx_restraint_function 
'X-RAY DIFFRACTION' ? 0.0058 ? 154 ? f_bond_d           ? ? 
'X-RAY DIFFRACTION' ? 1.2893 ? 212 ? f_angle_d          ? ? 
'X-RAY DIFFRACTION' ? 0.0814 ? 19  ? f_chiral_restr     ? ? 
'X-RAY DIFFRACTION' ? 0.0055 ? 23  ? f_plane_restr      ? ? 
'X-RAY DIFFRACTION' ? 9.5341 ? 50  ? f_dihedral_angle_d ? ? 
# 
loop_
_refine_ls_shell.pdbx_refine_id 
_refine_ls_shell.d_res_high 
_refine_ls_shell.d_res_low 
_refine_ls_shell.number_reflns_all 
_refine_ls_shell.number_reflns_obs 
_refine_ls_shell.number_reflns_R_free 
_refine_ls_shell.number_reflns_R_work 
_refine_ls_shell.percent_reflns_obs 
_refine_ls_shell.percent_reflns_R_free 
_refine_ls_shell.R_factor_all 
_refine_ls_shell.R_factor_obs 
_refine_ls_shell.R_factor_R_free_error 
_refine_ls_shell.R_factor_R_work 
_refine_ls_shell.redundancy_reflns_all 
_refine_ls_shell.redundancy_reflns_obs 
_refine_ls_shell.wR_factor_all 
_refine_ls_shell.wR_factor_obs 
_refine_ls_shell.wR_factor_R_free 
_refine_ls_shell.wR_factor_R_work 
_refine_ls_shell.pdbx_R_complete 
_refine_ls_shell.pdbx_total_number_of_bins_used 
_refine_ls_shell.pdbx_phase_error 
_refine_ls_shell.pdbx_fsc_work 
_refine_ls_shell.pdbx_fsc_free 
_refine_ls_shell.R_factor_R_free 
'X-RAY DIFFRACTION' 0.88 0.90  . . 142 1313 95.79 . . . . 0.1069 . . . . . . . . . . . 0.1236 
'X-RAY DIFFRACTION' 0.90 0.92  . . 149 1304 98.64 . . . . 0.0941 . . . . . . . . . . . 0.1163 
'X-RAY DIFFRACTION' 0.92 0.95  . . 145 1304 95.58 . . . . 0.0918 . . . . . . . . . . . 0.0965 
'X-RAY DIFFRACTION' 0.95 0.98  . . 141 1279 97.73 . . . . 0.0912 . . . . . . . . . . . 0.0941 
'X-RAY DIFFRACTION' 0.98 1.01  . . 142 1345 97.19 . . . . 0.0798 . . . . . . . . . . . 0.0862 
'X-RAY DIFFRACTION' 1.01 1.04  . . 144 1303 99.18 . . . . 0.0770 . . . . . . . . . . . 0.0821 
'X-RAY DIFFRACTION' 1.04 1.08  . . 140 1350 98.94 . . . . 0.0758 . . . . . . . . . . . 0.0821 
'X-RAY DIFFRACTION' 1.09 1.13  . . 154 1305 98.78 . . . . 0.0715 . . . . . . . . . . . 0.0848 
'X-RAY DIFFRACTION' 1.13 1.19  . . 131 1304 96.96 . . . . 0.0757 . . . . . . . . . . . 0.0756 
'X-RAY DIFFRACTION' 1.19 1.27  . . 148 1296 97.11 . . . . 0.0747 . . . . . . . . . . . 0.0805 
'X-RAY DIFFRACTION' 1.27 1.37  . . 144 1310 97.78 . . . . 0.0775 . . . . . . . . . . . 0.0664 
'X-RAY DIFFRACTION' 1.37 1.50  . . 148 1347 98.94 . . . . 0.0759 . . . . . . . . . . . 0.0856 
'X-RAY DIFFRACTION' 1.50 1.72  . . 138 1317 99.05 . . . . 0.0790 . . . . . . . . . . . 0.0890 
'X-RAY DIFFRACTION' 1.72 2.17  . . 146 1332 98.86 . . . . 0.0933 . . . . . . . . . . . 0.0932 
'X-RAY DIFFRACTION' 2.17 18.06 . . 148 1316 98.26 . . . . 0.1040 . . . . . . . . . . . 0.0929 
# 
_struct.entry_id                     9MFJ 
_struct.title                        'Zn-MAHF-9 A8S Metal Alpha-Helix Framework' 
_struct.pdbx_model_details           ? 
_struct.pdbx_formula_weight          ? 
_struct.pdbx_formula_weight_method   ? 
_struct.pdbx_model_type_details      ? 
_struct.pdbx_CASP_flag               N 
# 
_struct_keywords.entry_id        9MFJ 
_struct_keywords.text            'synthetic construct, DE NOVO PROTEIN' 
_struct_keywords.pdbx_keywords   'DE NOVO PROTEIN' 
# 
loop_
_struct_asym.id 
_struct_asym.pdbx_blank_PDB_chainid_flag 
_struct_asym.pdbx_modified 
_struct_asym.entity_id 
_struct_asym.details 
A N N 1 ? 
B N N 1 ? 
C N N 2 ? 
D N N 3 ? 
E N N 3 ? 
# 
_struct_ref.id                         1 
_struct_ref.db_name                    PDB 
_struct_ref.db_code                    9MFJ 
_struct_ref.pdbx_db_accession          9MFJ 
_struct_ref.pdbx_db_isoform            ? 
_struct_ref.entity_id                  1 
_struct_ref.pdbx_seq_one_letter_code   ? 
_struct_ref.pdbx_align_begin           1 
# 
loop_
_struct_ref_seq.align_id 
_struct_ref_seq.ref_id 
_struct_ref_seq.pdbx_PDB_id_code 
_struct_ref_seq.pdbx_strand_id 
_struct_ref_seq.seq_align_beg 
_struct_ref_seq.pdbx_seq_align_beg_ins_code 
_struct_ref_seq.seq_align_end 
_struct_ref_seq.pdbx_seq_align_end_ins_code 
_struct_ref_seq.pdbx_db_accession 
_struct_ref_seq.db_align_beg 
_struct_ref_seq.pdbx_db_align_beg_ins_code 
_struct_ref_seq.db_align_end 
_struct_ref_seq.pdbx_db_align_end_ins_code 
_struct_ref_seq.pdbx_auth_seq_align_beg 
_struct_ref_seq.pdbx_auth_seq_align_end 
1 1 9MFJ A 1 ? 11 ? 9MFJ 1 ? 11 ? 1 11 
2 1 9MFJ B 1 ? 11 ? 9MFJ 1 ? 11 ? 1 11 
# 
loop_
_pdbx_struct_assembly.id 
_pdbx_struct_assembly.details 
_pdbx_struct_assembly.method_details 
_pdbx_struct_assembly.oligomeric_details 
_pdbx_struct_assembly.oligomeric_count 
1 author_defined_assembly ? monomeric 1 
2 author_defined_assembly ? monomeric 1 
# 
loop_
_pdbx_struct_assembly_gen.assembly_id 
_pdbx_struct_assembly_gen.oper_expression 
_pdbx_struct_assembly_gen.asym_id_list 
1 1 A,D   
2 1 B,C,E 
# 
_pdbx_struct_assembly_auth_evidence.id                     1 
_pdbx_struct_assembly_auth_evidence.assembly_id            1 
_pdbx_struct_assembly_auth_evidence.experimental_support   none 
_pdbx_struct_assembly_auth_evidence.details                ? 
# 
_pdbx_struct_oper_list.id                   1 
_pdbx_struct_oper_list.type                 'identity operation' 
_pdbx_struct_oper_list.name                 1_555 
_pdbx_struct_oper_list.symmetry_operation   x,y,z 
_pdbx_struct_oper_list.matrix[1][1]         1.0000000000 
_pdbx_struct_oper_list.matrix[1][2]         0.0000000000 
_pdbx_struct_oper_list.matrix[1][3]         0.0000000000 
_pdbx_struct_oper_list.vector[1]            0.0000000000 
_pdbx_struct_oper_list.matrix[2][1]         0.0000000000 
_pdbx_struct_oper_list.matrix[2][2]         1.0000000000 
_pdbx_struct_oper_list.matrix[2][3]         0.0000000000 
_pdbx_struct_oper_list.vector[2]            0.0000000000 
_pdbx_struct_oper_list.matrix[3][1]         0.0000000000 
_pdbx_struct_oper_list.matrix[3][2]         0.0000000000 
_pdbx_struct_oper_list.matrix[3][3]         1.0000000000 
_pdbx_struct_oper_list.vector[3]            0.0000000000 
# 
loop_
_struct_conf.conf_type_id 
_struct_conf.id 
_struct_conf.pdbx_PDB_helix_id 
_struct_conf.beg_label_comp_id 
_struct_conf.beg_label_asym_id 
_struct_conf.beg_label_seq_id 
_struct_conf.pdbx_beg_PDB_ins_code 
_struct_conf.end_label_comp_id 
_struct_conf.end_label_asym_id 
_struct_conf.end_label_seq_id 
_struct_conf.pdbx_end_PDB_ins_code 
_struct_conf.beg_auth_comp_id 
_struct_conf.beg_auth_asym_id 
_struct_conf.beg_auth_seq_id 
_struct_conf.end_auth_comp_id 
_struct_conf.end_auth_asym_id 
_struct_conf.end_auth_seq_id 
_struct_conf.pdbx_PDB_helix_class 
_struct_conf.details 
_struct_conf.pdbx_PDB_helix_length 
HELX_P HELX_P1 AA1 LEU A 2 ? LEU A 10 ? LEU A 2 LEU A 10 1 ? 9 
HELX_P HELX_P2 AA2 LEU B 2 ? LEU B 10 ? LEU B 2 LEU B 10 1 ? 9 
# 
_struct_conf_type.id          HELX_P 
_struct_conf_type.criteria    ? 
_struct_conf_type.reference   ? 
# 
loop_
_struct_conn.id 
_struct_conn.conn_type_id 
_struct_conn.pdbx_leaving_atom_flag 
_struct_conn.pdbx_PDB_id 
_struct_conn.ptnr1_label_asym_id 
_struct_conn.ptnr1_label_comp_id 
_struct_conn.ptnr1_label_seq_id 
_struct_conn.ptnr1_label_atom_id 
_struct_conn.pdbx_ptnr1_label_alt_id 
_struct_conn.pdbx_ptnr1_PDB_ins_code 
_struct_conn.pdbx_ptnr1_standard_comp_id 
_struct_conn.ptnr1_symmetry 
_struct_conn.ptnr2_label_asym_id 
_struct_conn.ptnr2_label_comp_id 
_struct_conn.ptnr2_label_seq_id 
_struct_conn.ptnr2_label_atom_id 
_struct_conn.pdbx_ptnr2_label_alt_id 
_struct_conn.pdbx_ptnr2_PDB_ins_code 
_struct_conn.ptnr1_auth_asym_id 
_struct_conn.ptnr1_auth_comp_id 
_struct_conn.ptnr1_auth_seq_id 
_struct_conn.ptnr2_auth_asym_id 
_struct_conn.ptnr2_auth_comp_id 
_struct_conn.ptnr2_auth_seq_id 
_struct_conn.ptnr2_symmetry 
_struct_conn.pdbx_ptnr3_label_atom_id 
_struct_conn.pdbx_ptnr3_label_seq_id 
_struct_conn.pdbx_ptnr3_label_comp_id 
_struct_conn.pdbx_ptnr3_label_asym_id 
_struct_conn.pdbx_ptnr3_label_alt_id 
_struct_conn.pdbx_ptnr3_PDB_ins_code 
_struct_conn.details 
_struct_conn.pdbx_dist_value 
_struct_conn.pdbx_value_order 
_struct_conn.pdbx_role 
covale1  covale both ? A ACE 1  C   A ? ? 1_555 A LEU 2  N  ? ? A ACE 1  A LEU 2   1_555 ? ? ? ? ? ? ? 1.420 ? ? 
covale2  covale both ? A ACE 1  C   B ? ? 1_555 A LEU 2  N  ? ? A ACE 1  A LEU 2   1_555 ? ? ? ? ? ? ? 1.419 ? ? 
covale3  covale both ? A LEU 2  C   ? ? ? 1_555 A AIB 3  N  ? ? A LEU 2  A AIB 3   1_555 ? ? ? ? ? ? ? 1.328 ? ? 
covale4  covale both ? A AIB 3  C   ? ? ? 1_555 A GLU 4  N  ? ? A AIB 3  A GLU 4   1_555 ? ? ? ? ? ? ? 1.323 ? ? 
covale5  covale both ? A GLU 4  C   ? ? ? 1_555 A AIB 5  N  ? ? A GLU 4  A AIB 5   1_555 ? ? ? ? ? ? ? 1.329 ? ? 
covale6  covale both ? A AIB 5  C   ? ? ? 1_555 A LEU 6  N  ? ? A AIB 5  A LEU 6   1_555 ? ? ? ? ? ? ? 1.326 ? ? 
covale7  covale both ? A SER 8  C   ? ? ? 1_555 A AIB 9  N  ? ? A SER 8  A AIB 9   1_555 ? ? ? ? ? ? ? 1.334 ? ? 
covale8  covale both ? A AIB 9  C   ? ? ? 1_555 A LEU 10 N  ? ? A AIB 9  A LEU 10  1_555 ? ? ? ? ? ? ? 1.325 ? ? 
covale9  covale both ? A LEU 10 C   ? ? ? 1_555 A NH2 11 N  ? ? A LEU 10 A NH2 11  1_555 ? ? ? ? ? ? ? 1.417 ? ? 
covale10 covale both ? B ACE 1  C   A ? ? 1_555 B LEU 2  N  ? ? B ACE 1  B LEU 2   1_555 ? ? ? ? ? ? ? 1.423 ? ? 
covale11 covale both ? B ACE 1  C   B ? ? 1_555 B LEU 2  N  ? ? B ACE 1  B LEU 2   1_555 ? ? ? ? ? ? ? 1.424 ? ? 
covale12 covale both ? B LEU 2  C   ? ? ? 1_555 B AIB 3  N  ? ? B LEU 2  B AIB 3   1_555 ? ? ? ? ? ? ? 1.331 ? ? 
covale13 covale both ? B AIB 3  C   ? ? ? 1_555 B GLU 4  N  ? ? B AIB 3  B GLU 4   1_555 ? ? ? ? ? ? ? 1.324 ? ? 
covale14 covale both ? B GLU 4  C   ? ? ? 1_555 B AIB 5  N  ? ? B GLU 4  B AIB 5   1_555 ? ? ? ? ? ? ? 1.331 ? ? 
covale15 covale both ? B AIB 5  C   ? ? ? 1_555 B LEU 6  N  ? ? B AIB 5  B LEU 6   1_555 ? ? ? ? ? ? ? 1.326 ? ? 
covale16 covale both ? B SER 8  C   ? ? ? 1_555 B AIB 9  N  ? ? B SER 8  B AIB 9   1_555 ? ? ? ? ? ? ? 1.326 ? ? 
covale17 covale both ? B AIB 9  C   ? ? ? 1_555 B LEU 10 N  ? ? B AIB 9  B LEU 10  1_555 ? ? ? ? ? ? ? 1.331 ? ? 
covale18 covale both ? B LEU 10 C   ? ? ? 1_555 B NH2 11 N  ? ? B LEU 10 B NH2 11  1_555 ? ? ? ? ? ? ? 1.410 ? ? 
metalc1  metalc ?    ? A GLU 4  OE1 ? ? ? 1_555 C ZN  .  ZN ? ? A GLU 4  B ZN  101 2_645 ? ? ? ? ? ? ? 2.670 ? ? 
metalc2  metalc ?    ? A GLU 4  OE2 ? ? ? 1_555 C ZN  .  ZN ? ? A GLU 4  B ZN  101 2_645 ? ? ? ? ? ? ? 2.005 ? ? 
metalc3  metalc ?    ? A HIS 7  NE2 A ? ? 1_555 C ZN  .  ZN ? ? A HIS 7  B ZN  101 1_556 ? ? ? ? ? ? ? 2.067 ? ? 
metalc4  metalc ?    ? A HIS 7  NE2 B ? ? 1_555 C ZN  .  ZN ? ? A HIS 7  B ZN  101 1_556 ? ? ? ? ? ? ? 2.249 ? ? 
metalc5  metalc ?    ? B GLU 4  OE2 ? ? ? 1_555 C ZN  .  ZN ? ? B GLU 4  B ZN  101 2_544 ? ? ? ? ? ? ? 1.985 ? ? 
metalc6  metalc ?    ? B HIS 7  NE2 ? ? ? 1_555 C ZN  .  ZN ? ? B HIS 7  B ZN  101 1_555 ? ? ? ? ? ? ? 2.049 ? ? 
# 
loop_
_struct_conn_type.id 
_struct_conn_type.criteria 
_struct_conn_type.reference 
covale ? ? 
metalc ? ? 
# 
loop_
_pdbx_struct_conn_angle.id 
_pdbx_struct_conn_angle.ptnr1_label_atom_id 
_pdbx_struct_conn_angle.ptnr1_label_alt_id 
_pdbx_struct_conn_angle.ptnr1_label_asym_id 
_pdbx_struct_conn_angle.ptnr1_label_comp_id 
_pdbx_struct_conn_angle.ptnr1_label_seq_id 
_pdbx_struct_conn_angle.ptnr1_auth_atom_id 
_pdbx_struct_conn_angle.ptnr1_auth_asym_id 
_pdbx_struct_conn_angle.ptnr1_auth_comp_id 
_pdbx_struct_conn_angle.ptnr1_auth_seq_id 
_pdbx_struct_conn_angle.ptnr1_PDB_ins_code 
_pdbx_struct_conn_angle.ptnr1_symmetry 
_pdbx_struct_conn_angle.ptnr2_label_atom_id 
_pdbx_struct_conn_angle.ptnr2_label_alt_id 
_pdbx_struct_conn_angle.ptnr2_label_asym_id 
_pdbx_struct_conn_angle.ptnr2_label_comp_id 
_pdbx_struct_conn_angle.ptnr2_label_seq_id 
_pdbx_struct_conn_angle.ptnr2_auth_atom_id 
_pdbx_struct_conn_angle.ptnr2_auth_asym_id 
_pdbx_struct_conn_angle.ptnr2_auth_comp_id 
_pdbx_struct_conn_angle.ptnr2_auth_seq_id 
_pdbx_struct_conn_angle.ptnr2_PDB_ins_code 
_pdbx_struct_conn_angle.ptnr2_symmetry 
_pdbx_struct_conn_angle.ptnr3_label_atom_id 
_pdbx_struct_conn_angle.ptnr3_label_alt_id 
_pdbx_struct_conn_angle.ptnr3_label_asym_id 
_pdbx_struct_conn_angle.ptnr3_label_comp_id 
_pdbx_struct_conn_angle.ptnr3_label_seq_id 
_pdbx_struct_conn_angle.ptnr3_auth_atom_id 
_pdbx_struct_conn_angle.ptnr3_auth_asym_id 
_pdbx_struct_conn_angle.ptnr3_auth_comp_id 
_pdbx_struct_conn_angle.ptnr3_auth_seq_id 
_pdbx_struct_conn_angle.ptnr3_PDB_ins_code 
_pdbx_struct_conn_angle.ptnr3_symmetry 
_pdbx_struct_conn_angle.value 
_pdbx_struct_conn_angle.value_esd 
1  OE1 ? A GLU 4 ? A GLU 4 ? 1_555 ZN ? C ZN . ? B ZN 101 ? 2_645 OE2 ? A GLU 4 ? A GLU 4 ? 1_555 53.6 ? 
2  OE1 ? A GLU 4 ? A GLU 4 ? 1_555 ZN ? C ZN . ? B ZN 101 ? 2_645 NE2 A A HIS 7 ? A HIS 7 ? 1_555 62.0 ? 
3  OE2 ? A GLU 4 ? A GLU 4 ? 1_555 ZN ? C ZN . ? B ZN 101 ? 2_645 NE2 A A HIS 7 ? A HIS 7 ? 1_555 30.5 ? 
4  OE1 ? A GLU 4 ? A GLU 4 ? 1_555 ZN ? C ZN . ? B ZN 101 ? 2_645 NE2 B A HIS 7 ? A HIS 7 ? 1_555 62.8 ? 
5  OE2 ? A GLU 4 ? A GLU 4 ? 1_555 ZN ? C ZN . ? B ZN 101 ? 2_645 NE2 B A HIS 7 ? A HIS 7 ? 1_555 31.5 ? 
6  NE2 A A HIS 7 ? A HIS 7 ? 1_555 ZN ? C ZN . ? B ZN 101 ? 2_645 NE2 B A HIS 7 ? A HIS 7 ? 1_555 1.1  ? 
7  OE1 ? A GLU 4 ? A GLU 4 ? 1_555 ZN ? C ZN . ? B ZN 101 ? 2_645 OE2 ? B GLU 4 ? B GLU 4 ? 1_555 19.9 ? 
8  OE2 ? A GLU 4 ? A GLU 4 ? 1_555 ZN ? C ZN . ? B ZN 101 ? 2_645 OE2 ? B GLU 4 ? B GLU 4 ? 1_555 47.1 ? 
9  NE2 A A HIS 7 ? A HIS 7 ? 1_555 ZN ? C ZN . ? B ZN 101 ? 2_645 OE2 ? B GLU 4 ? B GLU 4 ? 1_555 66.5 ? 
10 NE2 B A HIS 7 ? A HIS 7 ? 1_555 ZN ? C ZN . ? B ZN 101 ? 2_645 OE2 ? B GLU 4 ? B GLU 4 ? 1_555 67.4 ? 
11 OE1 ? A GLU 4 ? A GLU 4 ? 1_555 ZN ? C ZN . ? B ZN 101 ? 2_645 NE2 ? B HIS 7 ? B HIS 7 ? 1_555 41.1 ? 
12 OE2 ? A GLU 4 ? A GLU 4 ? 1_555 ZN ? C ZN . ? B ZN 101 ? 2_645 NE2 ? B HIS 7 ? B HIS 7 ? 1_555 41.8 ? 
13 NE2 A A HIS 7 ? A HIS 7 ? 1_555 ZN ? C ZN . ? B ZN 101 ? 2_645 NE2 ? B HIS 7 ? B HIS 7 ? 1_555 69.6 ? 
14 NE2 B A HIS 7 ? A HIS 7 ? 1_555 ZN ? C ZN . ? B ZN 101 ? 2_645 NE2 ? B HIS 7 ? B HIS 7 ? 1_555 70.7 ? 
15 OE2 ? B GLU 4 ? B GLU 4 ? 1_555 ZN ? C ZN . ? B ZN 101 ? 2_645 NE2 ? B HIS 7 ? B HIS 7 ? 1_555 21.6 ? 
# 
loop_
_pdbx_modification_feature.ordinal 
_pdbx_modification_feature.label_comp_id 
_pdbx_modification_feature.label_asym_id 
_pdbx_modification_feature.label_seq_id 
_pdbx_modification_feature.label_alt_id 
_pdbx_modification_feature.modified_residue_label_comp_id 
_pdbx_modification_feature.modified_residue_label_asym_id 
_pdbx_modification_feature.modified_residue_label_seq_id 
_pdbx_modification_feature.modified_residue_label_alt_id 
_pdbx_modification_feature.auth_comp_id 
_pdbx_modification_feature.auth_asym_id 
_pdbx_modification_feature.auth_seq_id 
_pdbx_modification_feature.PDB_ins_code 
_pdbx_modification_feature.symmetry 
_pdbx_modification_feature.modified_residue_auth_comp_id 
_pdbx_modification_feature.modified_residue_auth_asym_id 
_pdbx_modification_feature.modified_residue_auth_seq_id 
_pdbx_modification_feature.modified_residue_PDB_ins_code 
_pdbx_modification_feature.modified_residue_symmetry 
_pdbx_modification_feature.comp_id_linking_atom 
_pdbx_modification_feature.modified_residue_id_linking_atom 
_pdbx_modification_feature.modified_residue_id 
_pdbx_modification_feature.ref_pcm_id 
_pdbx_modification_feature.ref_comp_id 
_pdbx_modification_feature.type 
_pdbx_modification_feature.category 
1  AIB A 3  ? .   . .  . AIB A 3  ? 1_555 .   . .  . .     . . ALA 1  AIB Methylation 'Named protein modification' 
2  AIB A 5  ? .   . .  . AIB A 5  ? 1_555 .   . .  . .     . . ALA 1  AIB Methylation 'Named protein modification' 
3  AIB A 9  ? .   . .  . AIB A 9  ? 1_555 .   . .  . .     . . ALA 1  AIB Methylation 'Named protein modification' 
4  AIB B 3  ? .   . .  . AIB B 3  ? 1_555 .   . .  . .     . . ALA 1  AIB Methylation 'Named protein modification' 
5  AIB B 5  ? .   . .  . AIB B 5  ? 1_555 .   . .  . .     . . ALA 1  AIB Methylation 'Named protein modification' 
6  AIB B 9  ? .   . .  . AIB B 9  ? 1_555 .   . .  . .     . . ALA 1  AIB Methylation 'Named protein modification' 
7  ACE A 1  A LEU A 2  ? ACE A 1  ? 1_555 LEU A 2  ? 1_555 . . LEU 14 ACE None        'Terminal acetylation'       
8  ACE A 1  B LEU A 2  ? ACE A 1  ? 1_555 LEU A 2  ? 1_555 . . LEU 14 ACE None        'Terminal acetylation'       
9  ACE B 1  A LEU B 2  ? ACE B 1  ? 1_555 LEU B 2  ? 1_555 . . LEU 14 ACE None        'Terminal acetylation'       
10 ACE B 1  B LEU B 2  ? ACE B 1  ? 1_555 LEU B 2  ? 1_555 . . LEU 14 ACE None        'Terminal acetylation'       
11 NH2 A 11 ? LEU A 10 ? NH2 A 11 ? 1_555 LEU A 10 ? 1_555 . . LEU 14 NH2 None        'Terminal amidation'         
12 NH2 B 11 ? LEU B 10 ? NH2 B 11 ? 1_555 LEU B 10 ? 1_555 . . LEU 14 NH2 None        'Terminal amidation'         
# 
_pdbx_entry_details.entry_id                   9MFJ 
_pdbx_entry_details.nonpolymer_details         ? 
_pdbx_entry_details.sequence_details           ? 
_pdbx_entry_details.compound_details           ? 
_pdbx_entry_details.source_details             ? 
_pdbx_entry_details.has_ligand_of_interest     N 
_pdbx_entry_details.has_protein_modification   Y 
# 
_pdbx_validate_close_contact.id               1 
_pdbx_validate_close_contact.PDB_model_num    1 
_pdbx_validate_close_contact.auth_atom_id_1   C 
_pdbx_validate_close_contact.auth_asym_id_1   B 
_pdbx_validate_close_contact.auth_comp_id_1   LEU 
_pdbx_validate_close_contact.auth_seq_id_1    10 
_pdbx_validate_close_contact.PDB_ins_code_1   ? 
_pdbx_validate_close_contact.label_alt_id_1   ? 
_pdbx_validate_close_contact.auth_atom_id_2   HN2 
_pdbx_validate_close_contact.auth_asym_id_2   B 
_pdbx_validate_close_contact.auth_comp_id_2   NH2 
_pdbx_validate_close_contact.auth_seq_id_2    11 
_pdbx_validate_close_contact.PDB_ins_code_2   ? 
_pdbx_validate_close_contact.label_alt_id_2   ? 
_pdbx_validate_close_contact.dist             1.58 
# 
loop_
_space_group_symop.id 
_space_group_symop.operation_xyz 
1 x,y,z       
2 -x,y+1/2,-z 
# 
loop_
_chem_comp_atom.comp_id 
_chem_comp_atom.atom_id 
_chem_comp_atom.type_symbol 
_chem_comp_atom.pdbx_aromatic_flag 
_chem_comp_atom.pdbx_stereo_config 
_chem_comp_atom.pdbx_ordinal 
ACE C    C  N N 1   
ACE O    O  N N 2   
ACE CH3  C  N N 3   
ACE H    H  N N 4   
ACE H1   H  N N 5   
ACE H2   H  N N 6   
ACE H3   H  N N 7   
AIB N    N  N N 8   
AIB CA   C  N N 9   
AIB C    C  N N 10  
AIB O    O  N N 11  
AIB OXT  O  N N 12  
AIB CB1  C  N N 13  
AIB CB2  C  N N 14  
AIB H    H  N N 15  
AIB H2   H  N N 16  
AIB HXT  H  N N 17  
AIB HB11 H  N N 18  
AIB HB12 H  N N 19  
AIB HB13 H  N N 20  
AIB HB21 H  N N 21  
AIB HB22 H  N N 22  
AIB HB23 H  N N 23  
GLU N    N  N N 24  
GLU CA   C  N S 25  
GLU C    C  N N 26  
GLU O    O  N N 27  
GLU CB   C  N N 28  
GLU CG   C  N N 29  
GLU CD   C  N N 30  
GLU OE1  O  N N 31  
GLU OE2  O  N N 32  
GLU OXT  O  N N 33  
GLU H    H  N N 34  
GLU H2   H  N N 35  
GLU HA   H  N N 36  
GLU HB2  H  N N 37  
GLU HB3  H  N N 38  
GLU HG2  H  N N 39  
GLU HG3  H  N N 40  
GLU HE2  H  N N 41  
GLU HXT  H  N N 42  
HIS N    N  N N 43  
HIS CA   C  N S 44  
HIS C    C  N N 45  
HIS O    O  N N 46  
HIS CB   C  N N 47  
HIS CG   C  Y N 48  
HIS ND1  N  Y N 49  
HIS CD2  C  Y N 50  
HIS CE1  C  Y N 51  
HIS NE2  N  Y N 52  
HIS OXT  O  N N 53  
HIS H    H  N N 54  
HIS H2   H  N N 55  
HIS HA   H  N N 56  
HIS HB2  H  N N 57  
HIS HB3  H  N N 58  
HIS HD1  H  N N 59  
HIS HD2  H  N N 60  
HIS HE1  H  N N 61  
HIS HE2  H  N N 62  
HIS HXT  H  N N 63  
HOH O    O  N N 64  
HOH H1   H  N N 65  
HOH H2   H  N N 66  
LEU N    N  N N 67  
LEU CA   C  N S 68  
LEU C    C  N N 69  
LEU O    O  N N 70  
LEU CB   C  N N 71  
LEU CG   C  N N 72  
LEU CD1  C  N N 73  
LEU CD2  C  N N 74  
LEU OXT  O  N N 75  
LEU H    H  N N 76  
LEU H2   H  N N 77  
LEU HA   H  N N 78  
LEU HB2  H  N N 79  
LEU HB3  H  N N 80  
LEU HG   H  N N 81  
LEU HD11 H  N N 82  
LEU HD12 H  N N 83  
LEU HD13 H  N N 84  
LEU HD21 H  N N 85  
LEU HD22 H  N N 86  
LEU HD23 H  N N 87  
LEU HXT  H  N N 88  
NH2 N    N  N N 89  
NH2 HN1  H  N N 90  
NH2 HN2  H  N N 91  
SER N    N  N N 92  
SER CA   C  N S 93  
SER C    C  N N 94  
SER O    O  N N 95  
SER CB   C  N N 96  
SER OG   O  N N 97  
SER OXT  O  N N 98  
SER H    H  N N 99  
SER H2   H  N N 100 
SER HA   H  N N 101 
SER HB2  H  N N 102 
SER HB3  H  N N 103 
SER HG   H  N N 104 
SER HXT  H  N N 105 
ZN  ZN   ZN N N 106 
# 
loop_
_chem_comp_bond.comp_id 
_chem_comp_bond.atom_id_1 
_chem_comp_bond.atom_id_2 
_chem_comp_bond.value_order 
_chem_comp_bond.pdbx_aromatic_flag 
_chem_comp_bond.pdbx_stereo_config 
_chem_comp_bond.pdbx_ordinal 
ACE C   O    doub N N 1  
ACE C   CH3  sing N N 2  
ACE C   H    sing N N 3  
ACE CH3 H1   sing N N 4  
ACE CH3 H2   sing N N 5  
ACE CH3 H3   sing N N 6  
AIB N   CA   sing N N 7  
AIB N   H    sing N N 8  
AIB N   H2   sing N N 9  
AIB CA  C    sing N N 10 
AIB CA  CB1  sing N N 11 
AIB CA  CB2  sing N N 12 
AIB C   O    doub N N 13 
AIB C   OXT  sing N N 14 
AIB OXT HXT  sing N N 15 
AIB CB1 HB11 sing N N 16 
AIB CB1 HB12 sing N N 17 
AIB CB1 HB13 sing N N 18 
AIB CB2 HB21 sing N N 19 
AIB CB2 HB22 sing N N 20 
AIB CB2 HB23 sing N N 21 
GLU N   CA   sing N N 22 
GLU N   H    sing N N 23 
GLU N   H2   sing N N 24 
GLU CA  C    sing N N 25 
GLU CA  CB   sing N N 26 
GLU CA  HA   sing N N 27 
GLU C   O    doub N N 28 
GLU C   OXT  sing N N 29 
GLU CB  CG   sing N N 30 
GLU CB  HB2  sing N N 31 
GLU CB  HB3  sing N N 32 
GLU CG  CD   sing N N 33 
GLU CG  HG2  sing N N 34 
GLU CG  HG3  sing N N 35 
GLU CD  OE1  doub N N 36 
GLU CD  OE2  sing N N 37 
GLU OE2 HE2  sing N N 38 
GLU OXT HXT  sing N N 39 
HIS N   CA   sing N N 40 
HIS N   H    sing N N 41 
HIS N   H2   sing N N 42 
HIS CA  C    sing N N 43 
HIS CA  CB   sing N N 44 
HIS CA  HA   sing N N 45 
HIS C   O    doub N N 46 
HIS C   OXT  sing N N 47 
HIS CB  CG   sing N N 48 
HIS CB  HB2  sing N N 49 
HIS CB  HB3  sing N N 50 
HIS CG  ND1  sing Y N 51 
HIS CG  CD2  doub Y N 52 
HIS ND1 CE1  doub Y N 53 
HIS ND1 HD1  sing N N 54 
HIS CD2 NE2  sing Y N 55 
HIS CD2 HD2  sing N N 56 
HIS CE1 NE2  sing Y N 57 
HIS CE1 HE1  sing N N 58 
HIS NE2 HE2  sing N N 59 
HIS OXT HXT  sing N N 60 
HOH O   H1   sing N N 61 
HOH O   H2   sing N N 62 
LEU N   CA   sing N N 63 
LEU N   H    sing N N 64 
LEU N   H2   sing N N 65 
LEU CA  C    sing N N 66 
LEU CA  CB   sing N N 67 
LEU CA  HA   sing N N 68 
LEU C   O    doub N N 69 
LEU C   OXT  sing N N 70 
LEU CB  CG   sing N N 71 
LEU CB  HB2  sing N N 72 
LEU CB  HB3  sing N N 73 
LEU CG  CD1  sing N N 74 
LEU CG  CD2  sing N N 75 
LEU CG  HG   sing N N 76 
LEU CD1 HD11 sing N N 77 
LEU CD1 HD12 sing N N 78 
LEU CD1 HD13 sing N N 79 
LEU CD2 HD21 sing N N 80 
LEU CD2 HD22 sing N N 81 
LEU CD2 HD23 sing N N 82 
LEU OXT HXT  sing N N 83 
NH2 N   HN1  sing N N 84 
NH2 N   HN2  sing N N 85 
SER N   CA   sing N N 86 
SER N   H    sing N N 87 
SER N   H2   sing N N 88 
SER CA  C    sing N N 89 
SER CA  CB   sing N N 90 
SER CA  HA   sing N N 91 
SER C   O    doub N N 92 
SER C   OXT  sing N N 93 
SER CB  OG   sing N N 94 
SER CB  HB2  sing N N 95 
SER CB  HB3  sing N N 96 
SER OG  HG   sing N N 97 
SER OXT HXT  sing N N 98 
# 
loop_
_pdbx_audit_support.funding_organization 
_pdbx_audit_support.country 
_pdbx_audit_support.grant_number 
_pdbx_audit_support.ordinal 
'National Institutes of Health/National Institute of General Medical Sciences (NIH/NIGMS)' 'United States' 1R35GM15479301    1 
'Department of Energy (DOE, United States)'                                                'United States' DE-AC02-06CH11357 2 
# 
_pdbx_initial_refinement_model.id               1 
_pdbx_initial_refinement_model.entity_id_list   ? 
_pdbx_initial_refinement_model.type             'experimental model' 
_pdbx_initial_refinement_model.source_name      PDB 
_pdbx_initial_refinement_model.accession_code   7TLS 
_pdbx_initial_refinement_model.details          ? 
# 
_space_group.name_H-M_alt     'P 1 21 1' 
_space_group.name_Hall        'P 2yb' 
_space_group.IT_number        4 
_space_group.crystal_system   monoclinic 
_space_group.id               1 
# 
_atom_sites.entry_id                    9MFJ 
_atom_sites.Cartn_transf_matrix[1][1]   ? 
_atom_sites.Cartn_transf_matrix[1][2]   ? 
_atom_sites.Cartn_transf_matrix[1][3]   ? 
_atom_sites.Cartn_transf_matrix[2][1]   ? 
_atom_sites.Cartn_transf_matrix[2][2]   ? 
_atom_sites.Cartn_transf_matrix[2][3]   ? 
_atom_sites.Cartn_transf_matrix[3][1]   ? 
_atom_sites.Cartn_transf_matrix[3][2]   ? 
_atom_sites.Cartn_transf_matrix[3][3]   ? 
_atom_sites.Cartn_transf_vector[1]      ? 
_atom_sites.Cartn_transf_vector[2]      ? 
_atom_sites.Cartn_transf_vector[3]      ? 
_atom_sites.Cartn_transform_axes        ? 
_atom_sites.fract_transf_matrix[1][1]   -0.05016534 
_atom_sites.fract_transf_matrix[1][2]   0.02267252 
_atom_sites.fract_transf_matrix[1][3]   0.00607808 
_atom_sites.fract_transf_matrix[2][1]   -0.00275118 
_atom_sites.fract_transf_matrix[2][2]   0.01028784 
_atom_sites.fract_transf_matrix[2][3]   -0.06108263 
_atom_sites.fract_transf_matrix[3][1]   -0.03042961 
_atom_sites.fract_transf_matrix[3][2]   -0.02981254 
_atom_sites.fract_transf_matrix[3][3]   -0.00365062 
_atom_sites.fract_transf_vector[1]      0.257714 
_atom_sites.fract_transf_vector[2]      -0.058766 
_atom_sites.fract_transf_vector[3]      0.019040 
_atom_sites.solution_primary            ? 
_atom_sites.solution_secondary          ? 
_atom_sites.solution_hydrogens          ? 
_atom_sites.special_details             ? 
# 
loop_
_atom_type.symbol 
_atom_type.scat_dispersion_real 
_atom_type.scat_dispersion_imag 
_atom_type.scat_Cromer_Mann_a1 
_atom_type.scat_Cromer_Mann_a2 
_atom_type.scat_Cromer_Mann_a3 
_atom_type.scat_Cromer_Mann_a4 
_atom_type.scat_Cromer_Mann_b1 
_atom_type.scat_Cromer_Mann_b2 
_atom_type.scat_Cromer_Mann_b3 
_atom_type.scat_Cromer_Mann_b4 
_atom_type.scat_Cromer_Mann_c 
_atom_type.scat_source 
_atom_type.scat_dispersion_source 
C  ? ? 2.51340  1.74867  1.72398 ? 31.80534 0.44561  10.58317 ? 0.0 
;3-Gaussian fit: Grosse-Kunstleve RW, Sauter NK, Adams PD: Newsletter of the IUCr Commission on Crystallographic Computing 2004, 3, 22-31.
;
? 
H  ? ? 0.53795  0.34799  0.11320 ? 10.08003 29.74760 2.57510  ? 0.0 
;3-Gaussian fit: Grosse-Kunstleve RW, Sauter NK, Adams PD: Newsletter of the IUCr Commission on Crystallographic Computing 2004, 3, 22-31.
;
? 
N  ? ? 2.99955  2.25584  1.72788 ? 23.27268 7.45433  0.31622  ? 0.0 
;3-Gaussian fit: Grosse-Kunstleve RW, Sauter NK, Adams PD: Newsletter of the IUCr Commission on Crystallographic Computing 2004, 3, 22-31.
;
? 
O  ? ? 3.21184  3.04156  1.73156 ? 18.83700 5.90590  0.24126  ? 0.0 
;3-Gaussian fit: Grosse-Kunstleve RW, Sauter NK, Adams PD: Newsletter of the IUCr Commission on Crystallographic Computing 2004, 3, 22-31.
;
? 
ZN ? ? 15.96762 10.44638 3.52717 ? 4.64159  0.35811  41.30671 ? 0.0 
;3-Gaussian fit: Grosse-Kunstleve RW, Sauter NK, Adams PD: Newsletter of the IUCr Commission on Crystallographic Computing 2004, 3, 22-31.
;
? 
# 
loop_
_atom_site.group_PDB 
_atom_site.id 
_atom_site.type_symbol 
_atom_site.label_atom_id 
_atom_site.label_alt_id 
_atom_site.label_comp_id 
_atom_site.label_asym_id 
_atom_site.label_entity_id 
_atom_site.label_seq_id 
_atom_site.pdbx_PDB_ins_code 
_atom_site.Cartn_x 
_atom_site.Cartn_y 
_atom_site.Cartn_z 
_atom_site.occupancy 
_atom_site.B_iso_or_equiv 
_atom_site.pdbx_formal_charge 
_atom_site.auth_seq_id 
_atom_site.auth_comp_id 
_atom_site.auth_asym_id 
_atom_site.auth_atom_id 
_atom_site.pdbx_PDB_model_num 
HETATM 1   C  C    A ACE A 1 1  ? -3.75053  -2.60729 5.92692   0.661 3.18322  ? 1   ACE A C    1 
HETATM 2   C  C    B ACE A 1 1  ? -3.63514  -2.13724 6.02533   0.339 2.86190  ? 1   ACE A C    1 
HETATM 3   O  O    A ACE A 1 1  ? -4.17060  -2.62057 4.76251   0.661 3.82386  ? 1   ACE A O    1 
HETATM 4   O  O    B ACE A 1 1  ? -4.12386  -2.18988 4.89092   0.339 2.82033  ? 1   ACE A O    1 
HETATM 5   C  CH3  A ACE A 1 1  ? -4.73228  -2.64410 7.10282   0.661 4.63000  ? 1   ACE A CH3  1 
HETATM 6   C  CH3  B ACE A 1 1  ? -4.50810  -2.15679 7.28305   0.339 1.62000  ? 1   ACE A CH3  1 
HETATM 7   H  H1   A ACE A 1 1  ? -4.31889  -2.37391 7.93768   0.661 5.55600  ? 1   ACE A H1   1 
HETATM 8   H  H1   B ACE A 1 1  ? -4.02125  -1.87956 8.07489   0.339 1.94400  ? 1   ACE A H1   1 
HETATM 9   H  H2   A ACE A 1 1  ? -5.49086  -2.05452 6.96921   0.661 5.55600  ? 1   ACE A H2   1 
HETATM 10  H  H2   B ACE A 1 1  ? -5.27337  -1.56516 7.21069   0.339 1.94400  ? 1   ACE A H2   1 
HETATM 11  H  H3   A ACE A 1 1  ? -5.09700  -3.53049 7.25185   0.661 5.55600  ? 1   ACE A H3   1 
HETATM 12  H  H3   B ACE A 1 1  ? -4.86142  -3.03981 7.47369   0.339 1.94400  ? 1   ACE A H3   1 
ATOM   13  N  N    . LEU A 1 2  ? -2.36763  -2.74453 6.21879   1.000 3.19323  ? 2   LEU A N    1 
ATOM   14  C  CA   . LEU A 1 2  ? -1.42169  -2.68982 5.12576   1.000 3.26971  ? 2   LEU A CA   1 
ATOM   15  C  C    . LEU A 1 2  ? -1.71592  -3.69207 4.01514   1.000 3.03277  ? 2   LEU A C    1 
ATOM   16  O  O    . LEU A 1 2  ? -1.73842  -3.32136 2.85147   1.000 3.24891  ? 2   LEU A O    1 
ATOM   17  C  CB   . LEU A 1 2  ? -0.01430  -2.91986 5.66653   1.000 3.94391  ? 2   LEU A CB   1 
ATOM   18  C  CG   . LEU A 1 2  ? 1.08194   -3.04131 4.61110   1.000 4.90990  ? 2   LEU A CG   1 
ATOM   19  C  CD1  . LEU A 1 2  ? 1.16977   -1.79994 3.73648   1.000 5.24934  ? 2   LEU A CD1  1 
ATOM   20  C  CD2  . LEU A 1 2  ? 2.40757   -3.30238 5.29456   1.000 6.09376  ? 2   LEU A CD2  1 
ATOM   21  H  H    . LEU A 1 2  ? -2.01493  -2.62008 6.99319   1.000 3.83188  ? 2   LEU A H    1 
ATOM   22  H  HA   . LEU A 1 2  ? -1.48389  -1.81137 4.71913   1.000 3.92365  ? 2   LEU A HA   1 
ATOM   23  H  HB2  . LEU A 1 2  ? 0.21747   -2.17281 6.24019   1.000 4.73269  ? 2   LEU A HB2  1 
ATOM   24  H  HB3  . LEU A 1 2  ? -0.01568  -3.74357 6.17878   1.000 4.73269  ? 2   LEU A HB3  1 
ATOM   25  H  HG   . LEU A 1 2  ? 0.86920   -3.78253 4.02268   1.000 5.89188  ? 2   LEU A HG   1 
ATOM   26  H  HD11 . LEU A 1 2  ? 1.87410   -1.92446 3.08125   1.000 6.29921  ? 2   LEU A HD11 1 
ATOM   27  H  HD12 . LEU A 1 2  ? 0.31985   -1.66906 3.28768   1.000 6.29921  ? 2   LEU A HD12 1 
ATOM   28  H  HD13 . LEU A 1 2  ? 1.37005   -1.03311 4.29573   1.000 6.29921  ? 2   LEU A HD13 1 
ATOM   29  H  HD21 . LEU A 1 2  ? 3.09950   -3.38655 4.61998   1.000 7.31251  ? 2   LEU A HD21 1 
ATOM   30  H  HD22 . LEU A 1 2  ? 2.60997   -2.56002 5.88518   1.000 7.31251  ? 2   LEU A HD22 1 
ATOM   31  H  HD23 . LEU A 1 2  ? 2.34270   -4.12394 5.80617   1.000 7.31251  ? 2   LEU A HD23 1 
HETATM 32  N  N    . AIB A 1 3  ? -1.88147  -4.96326 4.36231   1.000 2.94205  ? 3   AIB A N    1 
HETATM 33  C  CA   . AIB A 1 3  ? -2.02773  -6.02437 3.33973   1.000 3.29871  ? 3   AIB A CA   1 
HETATM 34  C  C    . AIB A 1 3  ? -3.12636  -5.61528 2.35253   1.000 3.30008  ? 3   AIB A C    1 
HETATM 35  O  O    . AIB A 1 3  ? -2.94938  -5.65628 1.13163   1.000 3.69968  ? 3   AIB A O    1 
HETATM 36  C  CB1  . AIB A 1 3  ? -2.44907  -7.32911 4.02920   1.000 3.70566  ? 3   AIB A CB1  1 
HETATM 37  C  CB2  . AIB A 1 3  ? -0.69475  -6.23306 2.63255   1.000 3.63732  ? 3   AIB A CB2  1 
HETATM 38  H  H    . AIB A 1 3  ? -1.83303  -5.32939 5.16744   1.000 3.53046  ? 3   AIB A H    1 
HETATM 39  H  HB11 . AIB A 1 3  ? -2.57158  -8.05061 3.39254   1.000 4.44679  ? 3   AIB A HB11 1 
HETATM 40  H  HB12 . AIB A 1 3  ? -1.78703  -7.62778 4.67215   1.000 4.44679  ? 3   AIB A HB12 1 
HETATM 41  H  HB13 . AIB A 1 3  ? -3.28595  -7.22970 4.50945   1.000 4.44679  ? 3   AIB A HB13 1 
HETATM 42  H  HB21 . AIB A 1 3  ? -0.71608  -7.01059 2.05299   1.000 4.36478  ? 3   AIB A HB21 1 
HETATM 43  H  HB22 . AIB A 1 3  ? -0.45944  -5.46987 2.08204   1.000 4.36478  ? 3   AIB A HB22 1 
HETATM 44  H  HB23 . AIB A 1 3  ? 0.02822   -6.36542 3.26555   1.000 4.36478  ? 3   AIB A HB23 1 
ATOM   45  N  N    . GLU A 1 4  ? -4.26931  -5.23258 2.89841   1.000 3.03642  ? 4   GLU A N    1 
ATOM   46  C  CA   . GLU A 1 4  ? -5.43493  -4.90073 2.09946   1.000 3.13591  ? 4   GLU A CA   1 
ATOM   47  C  C    . GLU A 1 4  ? -5.22248  -3.64397 1.25652   1.000 2.68450  ? 4   GLU A C    1 
ATOM   48  O  O    . GLU A 1 4  ? -5.49108  -3.62508 0.05157   1.000 3.10339  ? 4   GLU A O    1 
ATOM   49  C  CB   . GLU A 1 4  ? -6.63120  -4.74193 3.04538   1.000 3.41319  ? 4   GLU A CB   1 
ATOM   50  C  CG   . GLU A 1 4  ? -7.92455  -4.36849 2.35336   1.000 3.71705  ? 4   GLU A CG   1 
ATOM   51  C  CD   . GLU A 1 4  ? -9.11076  -4.41138 3.30344   1.000 4.12235  ? 4   GLU A CD   1 
ATOM   52  O  OE1  . GLU A 1 4  ? -8.92043  -4.50550 4.53828   1.000 5.42163  ? 4   GLU A OE1  1 
ATOM   53  O  OE2  . GLU A 1 4  ? -10.25631 -4.38024 2.80652   1.000 4.02611  ? 4   GLU A OE2  1 
ATOM   54  H  H    . GLU A 1 4  ? -4.39740  -5.15580 3.74535   1.000 3.64370  ? 4   GLU A H    1 
ATOM   55  H  HA   . GLU A 1 4  ? -5.61848  -5.61038 1.46416   1.000 3.76309  ? 4   GLU A HA   1 
ATOM   56  H  HB2  . GLU A 1 4  ? -6.77618  -5.58329 3.50580   1.000 4.09583  ? 4   GLU A HB2  1 
ATOM   57  H  HB3  . GLU A 1 4  ? -6.42847  -4.04326 3.68700   1.000 4.09583  ? 4   GLU A HB3  1 
ATOM   58  H  HG2  . GLU A 1 4  ? -7.84987  -3.46747 2.00194   1.000 4.46046  ? 4   GLU A HG2  1 
ATOM   59  H  HG3  . GLU A 1 4  ? -8.09194  -4.99360 1.63080   1.000 4.46046  ? 4   GLU A HG3  1 
HETATM 60  N  N    . AIB A 1 5  ? -4.76162  -2.58297 1.91136   1.000 2.63688  ? 5   AIB A N    1 
HETATM 61  C  CA   . AIB A 1 5  ? -4.54875  -1.28318 1.24337   1.000 2.79926  ? 5   AIB A CA   1 
HETATM 62  C  C    . AIB A 1 5  ? -3.58316  -1.46913 0.06563   1.000 2.80969  ? 5   AIB A C    1 
HETATM 63  O  O    . AIB A 1 5  ? -3.81144  -0.96434 -1.03523  1.000 3.17974  ? 5   AIB A O    1 
HETATM 64  C  CB1  . AIB A 1 5  ? -3.88067  -0.32588 2.25271   1.000 3.16721  ? 5   AIB A CB1  1 
HETATM 65  C  CB2  . AIB A 1 5  ? -5.88227  -0.69248 0.77843   1.000 3.27722  ? 5   AIB A CB2  1 
HETATM 66  H  H    . AIB A 1 5  ? -4.20735  -2.65858 2.60130   1.000 3.16426  ? 5   AIB A H    1 
HETATM 67  H  HB11 . AIB A 1 5  ? -3.68998  0.53935  1.85784   1.000 3.80065  ? 5   AIB A HB11 1 
HETATM 68  H  HB12 . AIB A 1 5  ? -4.44380  -0.16651 3.02627   1.000 3.80065  ? 5   AIB A HB12 1 
HETATM 69  H  HB13 . AIB A 1 5  ? -3.03937  -0.67862 2.58239   1.000 3.80065  ? 5   AIB A HB13 1 
HETATM 70  H  HB21 . AIB A 1 5  ? -5.76026  0.16644  0.34454   1.000 3.93266  ? 5   AIB A HB21 1 
HETATM 71  H  HB22 . AIB A 1 5  ? -6.32875  -1.27478 0.14402   1.000 3.93266  ? 5   AIB A HB22 1 
HETATM 72  H  HB23 . AIB A 1 5  ? -6.49059  -0.55593 1.52154   1.000 3.93266  ? 5   AIB A HB23 1 
ATOM   73  N  N    . LEU A 1 6  ? -2.48631  -2.16755 0.32462   1.000 2.74588  ? 6   LEU A N    1 
ATOM   74  C  CA   . LEU A 1 6  ? -1.44881  -2.35884 -0.68463  1.000 2.86317  ? 6   LEU A CA   1 
ATOM   75  C  C    . LEU A 1 6  ? -1.99421  -3.19241 -1.85119  1.000 3.07979  ? 6   LEU A C    1 
ATOM   76  O  O    . LEU A 1 6  ? -1.75670  -2.89989 -3.02143  1.000 3.48709  ? 6   LEU A O    1 
ATOM   77  C  CB   . LEU A 1 6  ? -0.25973  -3.05288 -0.03774  1.000 3.45320  ? 6   LEU A CB   1 
ATOM   78  C  CG   . LEU A 1 6  ? 0.94208   -3.31282 -0.93330  1.000 4.13846  ? 6   LEU A CG   1 
ATOM   79  C  CD1  . LEU A 1 6  ? 1.56230   -2.00395 -1.38279  1.000 4.93881  ? 6   LEU A CD1  1 
ATOM   80  C  CD2  . LEU A 1 6  ? 1.95519   -4.14982 -0.18546  1.000 4.72937  ? 6   LEU A CD2  1 
ATOM   81  H  H    . LEU A 1 6  ? -2.31642  -2.54313 1.07938   1.000 3.29506  ? 6   LEU A H    1 
ATOM   82  H  HA   . LEU A 1 6  ? -1.15271  -1.50774 -1.04360  1.000 3.43580  ? 6   LEU A HA   1 
ATOM   83  H  HB2  . LEU A 1 6  ? 0.04703   -2.50042 0.69819   1.000 4.14384  ? 6   LEU A HB2  1 
ATOM   84  H  HB3  . LEU A 1 6  ? -0.55863  -3.91339 0.29554   1.000 4.14384  ? 6   LEU A HB3  1 
ATOM   85  H  HG   . LEU A 1 6  ? 0.66106   -3.79516 -1.72657  1.000 4.96616  ? 6   LEU A HG   1 
ATOM   86  H  HD11 . LEU A 1 6  ? 2.32776   -2.19461 -1.94723  1.000 5.92657  ? 6   LEU A HD11 1 
ATOM   87  H  HD12 . LEU A 1 6  ? 0.90246   -1.49635 -1.88063  1.000 5.92657  ? 6   LEU A HD12 1 
ATOM   88  H  HD13 . LEU A 1 6  ? 1.84413   -1.50322 -0.60129  1.000 5.92657  ? 6   LEU A HD13 1 
ATOM   89  H  HD21 . LEU A 1 6  ? 2.72921   -4.29043 -0.75291  1.000 5.67524  ? 6   LEU A HD21 1 
ATOM   90  H  HD22 . LEU A 1 6  ? 2.21784   -3.68090 0.62203   1.000 5.67524  ? 6   LEU A HD22 1 
ATOM   91  H  HD23 . LEU A 1 6  ? 1.55330   -5.00254 0.04310   1.000 5.67524  ? 6   LEU A HD23 1 
ATOM   92  N  N    A HIS A 1 7  ? -2.73371  -4.24414 -1.50158  0.838 3.33734  ? 7   HIS A N    1 
ATOM   93  N  N    B HIS A 1 7  ? -2.71876  -4.25022 -1.48431  0.162 3.46771  ? 7   HIS A N    1 
ATOM   94  C  CA   A HIS A 1 7  ? -3.33217  -5.11509 -2.50572  0.838 3.74335  ? 7   HIS A CA   1 
ATOM   95  C  CA   B HIS A 1 7  ? -3.35565  -5.11473 -2.46937  0.162 3.86405  ? 7   HIS A CA   1 
ATOM   96  C  C    A HIS A 1 7  ? -4.20216  -4.31733 -3.47290  0.838 3.49724  ? 7   HIS A C    1 
ATOM   97  C  C    B HIS A 1 7  ? -4.17459  -4.29864 -3.45853  0.162 3.61988  ? 7   HIS A C    1 
ATOM   98  O  O    A HIS A 1 7  ? -4.12094  -4.49455 -4.69682  0.838 3.97644  ? 7   HIS A O    1 
ATOM   99  O  O    B HIS A 1 7  ? -4.02550  -4.43750 -4.67839  0.162 3.79918  ? 7   HIS A O    1 
ATOM   100 C  CB   A HIS A 1 7  ? -4.13587  -6.17340 -1.75140  0.838 4.62033  ? 7   HIS A CB   1 
ATOM   101 C  CB   B HIS A 1 7  ? -4.25059  -6.10581 -1.72446  0.162 4.51065  ? 7   HIS A CB   1 
ATOM   102 C  CG   A HIS A 1 7  ? -4.76605  -7.20901 -2.61304  0.838 4.83760  ? 7   HIS A CG   1 
ATOM   103 C  CG   B HIS A 1 7  ? -4.90982  -7.11558 -2.60522  0.162 4.95943  ? 7   HIS A CG   1 
ATOM   104 N  ND1  A HIS A 1 7  ? -6.12457  -7.42411 -2.62631  0.838 6.52891  ? 7   HIS A ND1  1 
ATOM   105 N  ND1  B HIS A 1 7  ? -6.01592  -6.82723 -3.37363  0.162 5.10520  ? 7   HIS A ND1  1 
ATOM   106 C  CD2  A HIS A 1 7  ? -4.22535  -8.13694 -3.43192  0.838 4.11422  ? 7   HIS A CD2  1 
ATOM   107 C  CD2  B HIS A 1 7  ? -4.63416  -8.42196 -2.81822  0.162 5.52803  ? 7   HIS A CD2  1 
ATOM   108 C  CE1  A HIS A 1 7  ? -6.39031  -8.41966 -3.44799  0.838 6.19478  ? 7   HIS A CE1  1 
ATOM   109 C  CE1  B HIS A 1 7  ? -6.38472  -7.90881 -4.03425  0.162 5.41565  ? 7   HIS A CE1  1 
ATOM   110 N  NE2  A HIS A 1 7  ? -5.25494  -8.85747 -3.95817  0.838 4.34526  ? 7   HIS A NE2  1 
ATOM   111 N  NE2  B HIS A 1 7  ? -5.56828  -8.89183 -3.70679  0.162 5.59280  ? 7   HIS A NE2  1 
ATOM   112 H  H    A HIS A 1 7  ? -2.90330  -4.47409 -0.69044  0.838 4.00481  ? 7   HIS A H    1 
ATOM   113 H  H    B HIS A 1 7  ? -2.85600  -4.48782 -0.66925  0.162 4.16126  ? 7   HIS A H    1 
ATOM   114 H  HA   A HIS A 1 7  ? -2.65527  -5.55071 -3.04697  0.838 4.49202  ? 7   HIS A HA   1 
ATOM   115 H  HA   B HIS A 1 7  ? -2.68343  -5.60142 -2.97153  0.162 4.63686  ? 7   HIS A HA   1 
ATOM   116 H  HB2  A HIS A 1 7  ? -3.54212  -6.62914 -1.13442  0.838 5.54440  ? 7   HIS A HB2  1 
ATOM   117 H  HB2  B HIS A 1 7  ? -3.71022  -6.58690 -1.07836  0.162 5.41278  ? 7   HIS A HB2  1 
ATOM   118 H  HB3  A HIS A 1 7  ? -4.84604  -5.72970 -1.26181  0.838 5.54440  ? 7   HIS A HB3  1 
ATOM   119 H  HB3  B HIS A 1 7  ? -4.94983  -5.61105 -1.26931  0.162 5.41278  ? 7   HIS A HB3  1 
ATOM   120 H  HD1  A HIS A 1 7  ? -6.70562  -6.98130 -2.17254  0.838 7.83469  ? 7   HIS A HD1  1 
ATOM   121 H  HD1  B HIS A 1 7  ? -6.40557  -6.06177 -3.41634  0.162 6.12624  ? 7   HIS A HD1  1 
ATOM   122 H  HD2  A HIS A 1 7  ? -3.31990  -8.26086 -3.60428  0.838 4.93707  ? 7   HIS A HD2  1 
ATOM   123 H  HD2  B HIS A 1 7  ? -3.94177  -8.91023 -2.43468  0.162 6.63364  ? 7   HIS A HD2  1 
ATOM   124 H  HE1  A HIS A 1 7  ? -7.23619  -8.75702 -3.63661  0.838 7.43374  ? 7   HIS A HE1  1 
ATOM   125 H  HE1  B HIS A 1 7  ? -7.09768  -7.96771 -4.62849  0.162 6.49878  ? 7   HIS A HE1  1 
ATOM   126 N  N    . SER A 1 8  ? -5.03337  -3.42794 -2.94503  1.000 3.28901  ? 8   SER A N    1 
ATOM   127 C  CA   . SER A 1 8  ? -5.90483  -2.62665 -3.79586  1.000 3.44134  ? 8   SER A CA   1 
ATOM   128 C  C    . SER A 1 8  ? -5.15986  -1.52765 -4.54149  1.000 3.32715  ? 8   SER A C    1 
ATOM   129 O  O    . SER A 1 8  ? -5.45024  -1.26655 -5.70260  1.000 3.91439  ? 8   SER A O    1 
ATOM   130 C  CB   . SER A 1 8  ? -7.03006  -2.01847 -2.97593  1.000 4.44793  ? 8   SER A CB   1 
ATOM   131 O  OG   . SER A 1 8  ? -7.85271  -3.04352 -2.45324  1.000 6.10930  ? 8   SER A OG   1 
ATOM   132 H  H    . SER A 1 8  ? -5.11150  -3.27034 -2.10321  1.000 3.94681  ? 8   SER A H    1 
ATOM   133 H  HA   . SER A 1 8  ? -6.28312  -3.21585 -4.46716  1.000 4.12961  ? 8   SER A HA   1 
ATOM   134 H  HB2  . SER A 1 8  ? -6.65162  -1.50761 -2.24332  1.000 5.33752  ? 8   SER A HB2  1 
ATOM   135 H  HB3  . SER A 1 8  ? -7.56251  -1.43970 -3.54374  1.000 5.33752  ? 8   SER A HB3  1 
ATOM   136 H  HG   . SER A 1 8  ? -8.48496  -2.70826 -2.01338  1.000 7.33117  ? 8   SER A HG   1 
HETATM 137 N  N    . AIB A 1 9  ? -4.21154  -0.87501 -3.86774  1.000 3.18316  ? 9   AIB A N    1 
HETATM 138 C  CA   . AIB A 1 9  ? -3.39982  0.19284  -4.49139  1.000 3.30269  ? 9   AIB A CA   1 
HETATM 139 C  C    . AIB A 1 9  ? -2.77903  -0.32284 -5.79458  1.000 3.16749  ? 9   AIB A C    1 
HETATM 140 O  O    . AIB A 1 9  ? -2.64164  0.41934  -6.77519  1.000 3.61733  ? 9   AIB A O    1 
HETATM 141 C  CB1  . AIB A 1 9  ? -2.23923  0.54175  -3.54554  1.000 3.32029  ? 9   AIB A CB1  1 
HETATM 142 C  CB2  . AIB A 1 9  ? -4.25386  1.42815  -4.74990  1.000 3.86672  ? 9   AIB A CB2  1 
HETATM 143 H  H    . AIB A 1 9  ? -3.68933  -1.37619 -3.35166  1.000 3.81980  ? 9   AIB A H    1 
HETATM 144 H  HB11 . AIB A 1 9  ? -1.67082  1.23678  -3.91263  1.000 3.98434  ? 9   AIB A HB11 1 
HETATM 145 H  HB12 . AIB A 1 9  ? -2.55711  0.86001  -2.68614  1.000 3.98434  ? 9   AIB A HB12 1 
HETATM 146 H  HB13 . AIB A 1 9  ? -1.67214  -0.22571 -3.37151  1.000 3.98434  ? 9   AIB A HB13 1 
HETATM 147 H  HB21 . AIB A 1 9  ? -3.73327  2.14613  -5.14282  1.000 4.64006  ? 9   AIB A HB21 1 
HETATM 148 H  HB22 . AIB A 1 9  ? -4.98456  1.23596  -5.35821  1.000 4.64006  ? 9   AIB A HB22 1 
HETATM 149 H  HB23 . AIB A 1 9  ? -4.64384  1.77034  -3.93031  1.000 4.64006  ? 9   AIB A HB23 1 
ATOM   150 N  N    . LEU A 1 10 ? -2.37161  -1.58406 -5.79092  1.000 3.04613  ? 10  LEU A N    1 
ATOM   151 C  CA   . LEU A 1 10 ? -1.60784  -2.11326 -6.91167  1.000 3.19492  ? 10  LEU A CA   1 
ATOM   152 C  C    . LEU A 1 10 ? -2.42538  -2.95777 -7.86274  1.000 3.70495  ? 10  LEU A C    1 
ATOM   153 O  O    . LEU A 1 10 ? -1.91711  -3.47177 -8.85244  1.000 3.84980  ? 10  LEU A O    1 
ATOM   154 C  CB   . LEU A 1 10 ? -0.36488  -2.83110 -6.40812  1.000 3.80245  ? 10  LEU A CB   1 
ATOM   155 C  CG   . LEU A 1 10 ? 0.57793   -1.87502 -5.67056  1.000 4.34495  ? 10  LEU A CG   1 
ATOM   156 C  CD1  . LEU A 1 10 ? 1.81677   -2.60926 -5.18439  1.000 5.32545  ? 10  LEU A CD1  1 
ATOM   157 C  CD2  . LEU A 1 10 ? 0.97155   -0.67116 -6.51408  1.000 5.15925  ? 10  LEU A CD2  1 
ATOM   158 H  H    . LEU A 1 10 ? -2.52265  -2.14736 -5.15887  1.000 3.65535  ? 10  LEU A H    1 
ATOM   159 H  HA   . LEU A 1 10 ? -1.31178  -1.36792 -7.45730  1.000 3.83390  ? 10  LEU A HA   1 
ATOM   160 H  HB2  . LEU A 1 10 ? -0.62861  -3.53461 -5.79457  1.000 4.56294  ? 10  LEU A HB2  1 
ATOM   161 H  HB3  . LEU A 1 10 ? 0.11271   -3.21049 -7.16235  1.000 4.56294  ? 10  LEU A HB3  1 
ATOM   162 H  HG   . LEU A 1 10 ? 0.09600   -1.53127 -4.90214  1.000 5.21394  ? 10  LEU A HG   1 
ATOM   163 H  HD11 . LEU A 1 10 ? 2.39635   -1.98125 -4.72550  1.000 6.39054  ? 10  LEU A HD11 1 
ATOM   164 H  HD12 . LEU A 1 10 ? 1.54713   -3.31547 -4.57654  1.000 6.39054  ? 10  LEU A HD12 1 
ATOM   165 H  HD13 . LEU A 1 10 ? 2.27901   -2.98875 -5.94808  1.000 6.39054  ? 10  LEU A HD13 1 
ATOM   166 H  HD21 . LEU A 1 10 ? 1.63213   -0.14989 -6.03158  1.000 6.19110  ? 10  LEU A HD21 1 
ATOM   167 H  HD22 . LEU A 1 10 ? 1.34458   -0.98225 -7.35370  1.000 6.19110  ? 10  LEU A HD22 1 
ATOM   168 H  HD23 . LEU A 1 10 ? 0.18299   -0.13186 -6.68209  1.000 6.19110  ? 10  LEU A HD23 1 
HETATM 169 N  N    . NH2 A 1 11 ? -3.83042  -2.97665 -7.67683  1.000 4.31533  ? 11  NH2 A N    1 
HETATM 170 H  HN1  . NH2 A 1 11 ? -4.05784  -2.25359 -8.13984  1.000 5.17840  ? 11  NH2 A HN1  1 
HETATM 171 H  HN2  . NH2 A 1 11 ? -4.50558  -3.12629 -7.11163  1.000 5.17840  ? 11  NH2 A HN2  1 
HETATM 172 C  C    A ACE B 1 1  ? 4.66946   1.08004  7.08749   0.494 2.67094  ? 1   ACE B C    1 
HETATM 173 C  C    B ACE B 1 1  ? 4.62245   0.76487  7.01612   0.506 2.63261  ? 1   ACE B C    1 
HETATM 174 O  O    A ACE B 1 1  ? 4.84922   1.00652  5.85973   0.494 2.92647  ? 1   ACE B O    1 
HETATM 175 O  O    B ACE B 1 1  ? 4.93014   1.36646  5.97119   0.506 2.55105  ? 1   ACE B O    1 
HETATM 176 C  CH3  A ACE B 1 1  ? 5.58927   0.26167  8.00750   0.494 2.24000  ? 1   ACE B CH3  1 
HETATM 177 C  CH3  B ACE B 1 1  ? 5.70752   0.69870  8.11278   0.506 2.74000  ? 1   ACE B CH3  1 
HETATM 178 H  H1   A ACE B 1 1  ? 5.09728   -0.20580 8.70054   0.494 2.68800  ? 1   ACE B H1   1 
HETATM 179 H  H1   B ACE B 1 1  ? 5.39063   0.26439  8.92015   0.506 3.28800  ? 1   ACE B H1   1 
HETATM 180 H  H2   A ACE B 1 1  ? 6.08957   -0.41383 7.52343   0.494 2.68800  ? 1   ACE B H2   1 
HETATM 181 H  H2   B ACE B 1 1  ? 6.49243   0.20589  7.82647   0.506 3.28800  ? 1   ACE B H2   1 
HETATM 182 H  H3   A ACE B 1 1  ? 6.24406   0.81467  8.46175   0.494 2.68800  ? 1   ACE B H3   1 
HETATM 183 H  H3   B ACE B 1 1  ? 6.01809   1.57836  8.37859   0.506 3.28800  ? 1   ACE B H3   1 
ATOM   184 N  N    . LEU B 1 2  ? 3.32473   1.01201  7.54644   1.000 2.97194  ? 2   LEU B N    1 
ATOM   185 C  CA   . LEU B 1 2  ? 2.19393   1.29012  6.69072   1.000 3.15534  ? 2   LEU B CA   1 
ATOM   186 C  C    . LEU B 1 2  ? 2.36228   2.56467  5.85689   1.000 2.84161  ? 2   LEU B C    1 
ATOM   187 O  O    . LEU B 1 2  ? 2.21789   2.53554  4.63690   1.000 3.12056  ? 2   LEU B O    1 
ATOM   188 C  CB   . LEU B 1 2  ? 0.94925   1.40471  7.58176   1.000 3.55936  ? 2   LEU B CB   1 
ATOM   189 C  CG   . LEU B 1 2  ? -0.36292  1.81957  6.91708   1.000 4.15518  ? 2   LEU B CG   1 
ATOM   190 C  CD1  . LEU B 1 2  ? -0.90024  0.74661  5.99764   1.000 4.80426  ? 2   LEU B CD1  1 
ATOM   191 C  CD2  . LEU B 1 2  ? -1.39242  2.18770  7.97601   1.000 5.22691  ? 2   LEU B CD2  1 
ATOM   192 H  H    . LEU B 1 2  ? 3.11302   0.84852  8.36379   1.000 3.56632  ? 2   LEU B H    1 
ATOM   193 H  HA   . LEU B 1 2  ? 2.09379   0.57036  6.04821   1.000 3.78641  ? 2   LEU B HA   1 
ATOM   194 H  HB2  . LEU B 1 2  ? 0.79541   0.53749  7.98815   1.000 4.27123  ? 2   LEU B HB2  1 
ATOM   195 H  HB3  . LEU B 1 2  ? 1.13632   2.06420  8.26803   1.000 4.27123  ? 2   LEU B HB3  1 
ATOM   196 H  HG   . LEU B 1 2  ? -0.19040  2.59789  6.36451   1.000 4.98621  ? 2   LEU B HG   1 
ATOM   197 H  HD11 . LEU B 1 2  ? -1.72937  1.05673  5.60106   1.000 5.76511  ? 2   LEU B HD11 1 
ATOM   198 H  HD12 . LEU B 1 2  ? -0.24695  0.56998  5.30273   1.000 5.76511  ? 2   LEU B HD12 1 
ATOM   199 H  HD13 . LEU B 1 2  ? -1.06116  -0.05929 6.51292   1.000 5.76511  ? 2   LEU B HD13 1 
ATOM   200 H  HD21 . LEU B 1 2  ? -2.21459  2.45661  7.53713   1.000 6.27230  ? 2   LEU B HD21 1 
ATOM   201 H  HD22 . LEU B 1 2  ? -1.55568  1.41537  8.53972   1.000 6.27230  ? 2   LEU B HD22 1 
ATOM   202 H  HD23 . LEU B 1 2  ? -1.04778  2.92025  8.51032   1.000 6.27230  ? 2   LEU B HD23 1 
HETATM 203 N  N    . AIB B 1 3  ? 2.61077   3.68615  6.52885   1.000 2.92337  ? 3   AIB B N    1 
HETATM 204 C  CA   . AIB B 1 3  ? 2.63639   4.99074  5.86798   1.000 3.04942  ? 3   AIB B CA   1 
HETATM 205 C  C    . AIB B 1 3  ? 3.65408   4.95291  4.72021   1.000 3.14177  ? 3   AIB B C    1 
HETATM 206 O  O    . AIB B 1 3  ? 3.36715   5.33225  3.58154   1.000 3.52921  ? 3   AIB B O    1 
HETATM 207 C  CB1  . AIB B 1 3  ? 3.10255   6.05592  6.87752   1.000 3.29056  ? 3   AIB B CB1  1 
HETATM 208 C  CB2  . AIB B 1 3  ? 1.24583   5.35678  5.33954   1.000 3.25596  ? 3   AIB B CB2  1 
HETATM 209 H  H    . AIB B 1 3  ? 2.76879   3.71959  7.37355   1.000 3.50804  ? 3   AIB B H    1 
HETATM 210 H  HB11 . AIB B 1 3  ? 3.24787   6.91611  6.45344   1.000 3.94867  ? 3   AIB B HB11 1 
HETATM 211 H  HB12 . AIB B 1 3  ? 2.45136   6.19410  7.58304   1.000 3.94867  ? 3   AIB B HB12 1 
HETATM 212 H  HB13 . AIB B 1 3  ? 3.93627   5.80672  7.30611   1.000 3.94867  ? 3   AIB B HB13 1 
HETATM 213 H  HB21 . AIB B 1 3  ? 1.23210   6.24883  4.95882   1.000 3.90715  ? 3   AIB B HB21 1 
HETATM 214 H  HB22 . AIB B 1 3  ? 0.95441   4.74350  4.64681   1.000 3.90715  ? 3   AIB B HB22 1 
HETATM 215 H  HB23 . AIB B 1 3  ? 0.57900   5.33387  6.04361   1.000 3.90715  ? 3   AIB B HB23 1 
ATOM   216 N  N    . GLU B 1 4  ? 4.86154   4.51118  5.03781   1.000 3.06305  ? 4   GLU B N    1 
ATOM   217 C  CA   . GLU B 1 4  ? 5.91949   4.52434  4.04299   1.000 3.16936  ? 4   GLU B CA   1 
ATOM   218 C  C    . GLU B 1 4  ? 5.63541   3.54192  2.91034   1.000 2.88963  ? 4   GLU B C    1 
ATOM   219 O  O    . GLU B 1 4  ? 5.84277   3.85667  1.73605   1.000 3.31481  ? 4   GLU B O    1 
ATOM   220 C  CB   . GLU B 1 4  ? 7.26557   4.22458  4.69344   1.000 3.84854  ? 4   GLU B CB   1 
ATOM   221 C  CG   . GLU B 1 4  ? 8.41524   4.27211  3.71032   1.000 4.39260  ? 4   GLU B CG   1 
ATOM   222 C  CD   . GLU B 1 4  ? 9.76978   4.18677  4.38321   1.000 4.47079  ? 4   GLU B CD   1 
ATOM   223 O  OE1  . GLU B 1 4  ? 9.84767   3.85803  5.58529   1.000 4.62967  ? 4   GLU B OE1  1 
ATOM   224 O  OE2  . GLU B 1 4  ? 10.77426  4.45808  3.68161   1.000 4.84261  ? 4   GLU B OE2  1 
ATOM   225 H  H    . GLU B 1 4  ? 5.08848   4.20464  5.80861   1.000 3.67567  ? 4   GLU B H    1 
ATOM   226 H  HA   . GLU B 1 4  ? 5.97032   5.40933  3.64916   1.000 3.80324  ? 4   GLU B HA   1 
ATOM   227 H  HB2  . GLU B 1 4  ? 7.43504   4.88262  5.38566   1.000 4.61825  ? 4   GLU B HB2  1 
ATOM   228 H  HB3  . GLU B 1 4  ? 7.23800   3.33555  5.08044   1.000 4.61825  ? 4   GLU B HB3  1 
ATOM   229 H  HG2  . GLU B 1 4  ? 8.33767   3.52413  3.09761   1.000 5.27113  ? 4   GLU B HG2  1 
ATOM   230 H  HG3  . GLU B 1 4  ? 8.37673   5.10810  3.21987   1.000 5.27113  ? 4   GLU B HG3  1 
HETATM 231 N  N    . AIB B 1 5  ? 5.17679   2.34502  3.26968   1.000 2.91587  ? 5   AIB B N    1 
HETATM 232 C  CA   . AIB B 1 5  ? 4.89090   1.30351  2.29333   1.000 3.18767  ? 5   AIB B CA   1 
HETATM 233 C  C    . AIB B 1 5  ? 3.92879   1.85979  1.23599   1.000 2.94097  ? 5   AIB B C    1 
HETATM 234 O  O    . AIB B 1 5  ? 4.11649   1.69047  0.02660   1.000 3.30221  ? 5   AIB B O    1 
HETATM 235 C  CB1  . AIB B 1 5  ? 4.16223   0.13643  2.98877   1.000 3.53394  ? 5   AIB B CB1  1 
HETATM 236 C  CB2  . AIB B 1 5  ? 6.16956   0.79895  1.64420   1.000 3.71862  ? 5   AIB B CB2  1 
HETATM 237 H  H    . AIB B 1 5  ? 5.02191   2.11103  4.08262   1.000 3.49905  ? 5   AIB B H    1 
HETATM 238 H  HB11 . AIB B 1 5  ? 3.93606   -0.57101 2.36485   1.000 4.24073  ? 5   AIB B HB11 1 
HETATM 239 H  HB12 . AIB B 1 5  ? 4.70479   -0.26354 3.68629   1.000 4.24073  ? 5   AIB B HB12 1 
HETATM 240 H  HB13 . AIB B 1 5  ? 3.33395   0.42395  3.40370   1.000 4.24073  ? 5   AIB B HB13 1 
HETATM 241 H  HB21 . AIB B 1 5  ? 5.99546   0.06157  1.03851   1.000 4.46234  ? 5   AIB B HB21 1 
HETATM 242 H  HB22 . AIB B 1 5  ? 6.60835   1.49554  1.13123   1.000 4.46234  ? 5   AIB B HB22 1 
HETATM 243 H  HB23 . AIB B 1 5  ? 6.80553   0.48437  2.30561   1.000 4.46234  ? 5   AIB B HB23 1 
ATOM   244 N  N    . LEU B 1 6  ? 2.86813   2.50484  1.70183   1.000 2.82368  ? 6   LEU B N    1 
ATOM   245 C  CA   . LEU B 1 6  ? 1.86562   3.02056  0.78170   1.000 2.85439  ? 6   LEU B CA   1 
ATOM   246 C  C    . LEU B 1 6  ? 2.40035   4.20372  -0.00786  1.000 2.86083  ? 6   LEU B C    1 
ATOM   247 O  O    . LEU B 1 6  ? 2.12046   4.32801  -1.19624  1.000 3.22395  ? 6   LEU B O    1 
ATOM   248 C  CB   . LEU B 1 6  ? 0.56488   3.36611  1.49915   1.000 3.21564  ? 6   LEU B CB   1 
ATOM   249 C  CG   . LEU B 1 6  ? -0.15015  2.15158  2.08900   1.000 3.59401  ? 6   LEU B CG   1 
ATOM   250 C  CD1  . LEU B 1 6  ? -1.41268  2.60355  2.80280   1.000 3.79915  ? 6   LEU B CD1  1 
ATOM   251 C  CD2  . LEU B 1 6  ? -0.48509  1.11113  1.03986   1.000 4.73010  ? 6   LEU B CD2  1 
ATOM   252 H  H    . LEU B 1 6  ? 2.70867   2.65443  2.53356   1.000 3.38842  ? 6   LEU B H    1 
ATOM   253 H  HA   . LEU B 1 6  ? 1.64495   2.32429  0.14341   1.000 3.42526  ? 6   LEU B HA   1 
ATOM   254 H  HB2  . LEU B 1 6  ? 0.76271   3.97687  2.22629   1.000 3.85876  ? 6   LEU B HB2  1 
ATOM   255 H  HB3  . LEU B 1 6  ? -0.03759  3.78761  0.86647   1.000 3.85876  ? 6   LEU B HB3  1 
ATOM   256 H  HG   . LEU B 1 6  ? 0.44821   1.72424  2.72165   1.000 4.31282  ? 6   LEU B HG   1 
ATOM   257 H  HD11 . LEU B 1 6  ? -1.86827  1.82592  3.16146   1.000 4.55898  ? 6   LEU B HD11 1 
ATOM   258 H  HD12 . LEU B 1 6  ? -1.16974  3.20604  3.52313   1.000 4.55898  ? 6   LEU B HD12 1 
ATOM   259 H  HD13 . LEU B 1 6  ? -1.98742  3.06054  2.16898   1.000 4.55898  ? 6   LEU B HD13 1 
ATOM   260 H  HD21 . LEU B 1 6  ? -1.05364  0.43327  1.43755   1.000 5.67612  ? 6   LEU B HD21 1 
ATOM   261 H  HD22 . LEU B 1 6  ? -0.94857  1.54184  0.30462   1.000 5.67612  ? 6   LEU B HD22 1 
ATOM   262 H  HD23 . LEU B 1 6  ? 0.33749   0.70764  0.72133   1.000 5.67612  ? 6   LEU B HD23 1 
ATOM   263 N  N    . HIS B 1 7  ? 3.17121   5.07717  0.63980   1.000 2.82607  ? 7   HIS B N    1 
ATOM   264 C  CA   . HIS B 1 7  ? 3.76346   6.17113  -0.10778  1.000 3.09593  ? 7   HIS B CA   1 
ATOM   265 C  C    . HIS B 1 7  ? 4.60568   5.64244  -1.26893  1.000 3.07067  ? 7   HIS B C    1 
ATOM   266 O  O    . HIS B 1 7  ? 4.53957   6.16596  -2.38849  1.000 3.65055  ? 7   HIS B O    1 
ATOM   267 C  CB   . HIS B 1 7  ? 4.59302   7.05255  0.81465   1.000 3.80242  ? 7   HIS B CB   1 
ATOM   268 C  CG   . HIS B 1 7  ? 5.20109   8.20094  0.09259   1.000 4.01060  ? 7   HIS B CG   1 
ATOM   269 N  ND1  . HIS B 1 7  ? 6.47702   8.16292  -0.41693  1.000 4.94303  ? 7   HIS B ND1  1 
ATOM   270 C  CD2  . HIS B 1 7  ? 4.67457   9.37854  -0.30074  1.000 3.96430  ? 7   HIS B CD2  1 
ATOM   271 C  CE1  . HIS B 1 7  ? 6.71824   9.29102  -1.05417  1.000 4.83097  ? 7   HIS B CE1  1 
ATOM   272 N  NE2  . HIS B 1 7  ? 5.64233   10.04416 -0.98758  1.000 4.01791  ? 7   HIS B NE2  1 
ATOM   273 H  H    . HIS B 1 7  ? 3.35708   5.05571  1.47920   1.000 3.39128  ? 7   HIS B H    1 
ATOM   274 H  HA   . HIS B 1 7  ? 3.05651   6.72332  -0.47685  1.000 3.71512  ? 7   HIS B HA   1 
ATOM   275 H  HB2  . HIS B 1 7  ? 4.02329   7.40339  1.51695   1.000 4.56291  ? 7   HIS B HB2  1 
ATOM   276 H  HB3  . HIS B 1 7  ? 5.30879   6.52411  1.20108   1.000 4.56291  ? 7   HIS B HB3  1 
ATOM   277 H  HD1  . HIS B 1 7  ? 7.02887   7.50863  -0.33340  1.000 5.93164  ? 7   HIS B HD1  1 
ATOM   278 H  HD2  . HIS B 1 7  ? 3.81070   9.67967  -0.13361  1.000 4.75716  ? 7   HIS B HD2  1 
ATOM   279 H  HE1  . HIS B 1 7  ? 7.51434   9.51624  -1.47890  1.000 5.79717  ? 7   HIS B HE1  1 
ATOM   280 N  N    . SER B 1 8  ? 5.39390   4.60294  -1.02290  1.000 2.91976  ? 8   SER B N    1 
ATOM   281 C  CA   . SER B 1 8  ? 6.18013   4.00165  -2.09309  1.000 3.00710  ? 8   SER B CA   1 
ATOM   282 C  C    . SER B 1 8  ? 5.30267   3.37483  -3.17017  1.000 2.82001  ? 8   SER B C    1 
ATOM   283 O  O    . SER B 1 8  ? 5.49991   3.60206  -4.36553  1.000 3.17629  ? 8   SER B O    1 
ATOM   284 C  CB   . SER B 1 8  ? 7.10644   2.92375  -1.54410  1.000 3.49915  ? 8   SER B CB   1 
ATOM   285 O  OG   . SER B 1 8  ? 8.08021   3.48953  -0.70037  1.000 4.07486  ? 8   SER B OG   1 
ATOM   286 H  H    . SER B 1 8  ? 5.48998   4.23135  -0.25331  1.000 3.50371  ? 8   SER B H    1 
ATOM   287 H  HA   . SER B 1 8  ? 6.70792   4.70838  -2.49666  1.000 3.60852  ? 8   SER B HA   1 
ATOM   288 H  HB2  . SER B 1 8  ? 6.58222   2.28357  -1.03788  1.000 4.19899  ? 8   SER B HB2  1 
ATOM   289 H  HB3  . SER B 1 8  ? 7.54852   2.47916  -2.28425  1.000 4.19899  ? 8   SER B HB3  1 
ATOM   290 H  HG   . SER B 1 8  ? 8.55420   2.88405  -0.36223  1.000 4.88983  ? 8   SER B HG   1 
HETATM 291 N  N    . AIB B 1 9  ? 4.35063   2.56064  -2.73697  1.000 2.76691  ? 9   AIB B N    1 
HETATM 292 C  CA   . AIB B 1 9  ? 3.47121   1.81862  -3.65704  1.000 2.79431  ? 9   AIB B CA   1 
HETATM 293 C  C    . AIB B 1 9  ? 2.73100   2.78846  -4.57997  1.000 2.65992  ? 9   AIB B C    1 
HETATM 294 O  O    . AIB B 1 9  ? 2.44285   2.47052  -5.73628  1.000 3.10902  ? 9   AIB B O    1 
HETATM 295 C  CB1  . AIB B 1 9  ? 2.39901   1.09054  -2.83344  1.000 3.20844  ? 9   AIB B CB1  1 
HETATM 296 C  CB2  . AIB B 1 9  ? 4.28568   0.79904  -4.45484  1.000 3.21426  ? 9   AIB B CB2  1 
HETATM 297 H  H    . AIB B 1 9  ? 3.85965   3.00060  -2.13872  1.000 3.32029  ? 9   AIB B H    1 
HETATM 298 H  HB11 . AIB B 1 9  ? 1.77561   0.60793  -3.39855  1.000 3.85013  ? 9   AIB B HB11 1 
HETATM 299 H  HB12 . AIB B 1 9  ? 2.78881   0.44382  -2.22459  1.000 3.85013  ? 9   AIB B HB12 1 
HETATM 300 H  HB13 . AIB B 1 9  ? 1.87639   1.70638  -2.29629  1.000 3.85013  ? 9   AIB B HB13 1 
HETATM 301 H  HB21 . AIB B 1 9  ? 3.72198   0.27581  -5.04592  1.000 3.85712  ? 9   AIB B HB21 1 
HETATM 302 H  HB22 . AIB B 1 9  ? 4.95750   1.23098  -5.00528  1.000 3.85712  ? 9   AIB B HB22 1 
HETATM 303 H  HB23 . AIB B 1 9  ? 4.74776   0.17655  -3.87184  1.000 3.85712  ? 9   AIB B HB23 1 
ATOM   304 N  N    . LEU B 1 10 ? 2.39038   3.95903  -4.04498  1.000 2.71415  ? 10  LEU B N    1 
ATOM   305 C  CA   . LEU B 1 10 ? 1.56108   4.91317  -4.76848  1.000 2.79870  ? 10  LEU B CA   1 
ATOM   306 C  C    . LEU B 1 10 ? 2.34609   5.82572  -5.67980  1.000 3.02559  ? 10  LEU B C    1 
ATOM   307 O  O    . LEU B 1 10 ? 1.77650   6.59373  -6.44116  1.000 3.30469  ? 10  LEU B O    1 
ATOM   308 C  CB   . LEU B 1 10 ? 0.71840   5.71797  -3.77978  1.000 3.13038  ? 10  LEU B CB   1 
ATOM   309 C  CG   . LEU B 1 10 ? -0.33789  4.88043  -3.05375  1.000 3.61468  ? 10  LEU B CG   1 
ATOM   310 C  CD1  . LEU B 1 10 ? -0.91013  5.65041  -1.87054  1.000 4.28777  ? 10  LEU B CD1  1 
ATOM   311 C  CD2  . LEU B 1 10 ? -1.44575  4.44302  -4.00510  1.000 4.26511  ? 10  LEU B CD2  1 
ATOM   312 H  H    . LEU B 1 10 ? 2.62871   4.22299  -3.26196  1.000 3.25698  ? 10  LEU B H    1 
ATOM   313 H  HA   . LEU B 1 10 ? 0.96893   4.41552  -5.35381  1.000 3.35844  ? 10  LEU B HA   1 
ATOM   314 H  HB2  . LEU B 1 10 ? 1.30543   6.10251  -3.11013  1.000 3.75646  ? 10  LEU B HB2  1 
ATOM   315 H  HB3  . LEU B 1 10 ? 0.25922   6.42290  -4.26262  1.000 3.75646  ? 10  LEU B HB3  1 
ATOM   316 H  HG   . LEU B 1 10 ? 0.08491   4.07646  -2.71350  1.000 4.33761  ? 10  LEU B HG   1 
ATOM   317 H  HD11 . LEU B 1 10 ? -1.58712  5.10701  -1.43778  1.000 5.14532  ? 10  LEU B HD11 1 
ATOM   318 H  HD12 . LEU B 1 10 ? -0.19459  5.84695  -1.24583  1.000 5.14532  ? 10  LEU B HD12 1 
ATOM   319 H  HD13 . LEU B 1 10 ? -1.30459  6.47617  -2.19213  1.000 5.14532  ? 10  LEU B HD13 1 
ATOM   320 H  HD21 . LEU B 1 10 ? -2.14195  3.99893  -3.49620  1.000 5.11813  ? 10  LEU B HD21 1 
ATOM   321 H  HD22 . LEU B 1 10 ? -1.80840  5.22573  -4.44868  1.000 5.11813  ? 10  LEU B HD22 1 
ATOM   322 H  HD23 . LEU B 1 10 ? -1.07543  3.83257  -4.66170  1.000 5.11813  ? 10  LEU B HD23 1 
HETATM 323 N  N    . NH2 B 1 11 ? 3.74986   5.69530  -5.68634  1.000 3.36994  ? 11  NH2 B N    1 
HETATM 324 H  HN1  . NH2 B 1 11 ? 4.21111   5.50054  -4.95010  1.000 4.04393  ? 11  NH2 B HN1  1 
HETATM 325 H  HN2  . NH2 B 1 11 ? 3.58162   4.91953  -6.08451  1.000 4.04393  ? 11  NH2 B HN2  1 
HETATM 326 ZN ZN   . ZN  C 2 .  ? 5.46799   11.88183 -1.87619  1.000 3.24851  ? 101 ZN  B ZN   1 
HETATM 327 O  O    . HOH D 3 .  ? -7.21126  -4.43255 6.51867   1.000 12.48505 ? 101 HOH A O    1 
HETATM 328 O  O    . HOH D 3 .  ? -9.75398  -2.41577 -0.64312  1.000 10.17067 ? 102 HOH A O    1 
HETATM 329 O  O    . HOH D 3 .  ? -7.93611  -1.60566 -6.81713  1.000 15.57692 ? 103 HOH A O    1 
HETATM 330 O  O    . HOH D 3 .  ? -7.83886  -5.61578 -1.19613  1.000 19.20276 ? 104 HOH A O    1 
HETATM 331 O  O    . HOH D 3 .  ? -2.14418  -6.28933 -5.79329  1.000 5.42868  ? 105 HOH A O    1 
HETATM 332 O  O    . HOH D 3 .  ? -6.96720  -1.69589 5.15457   1.000 13.74642 ? 106 HOH A O    1 
HETATM 333 O  O    . HOH D 3 .  ? -5.63534  -3.17929 -9.99869  1.000 7.81106  ? 107 HOH A O    1 
HETATM 334 O  O    . HOH D 3 .  ? -1.20478  -6.99474 -0.96136  1.000 26.91477 ? 108 HOH A O    1 
HETATM 335 O  O    . HOH D 3 .  ? -0.25665  -6.99329 -3.80570  1.000 7.03773  ? 109 HOH A O    1 
HETATM 336 O  O    . HOH D 3 .  ? -10.61475 -8.70220 1.39845   1.000 23.16184 ? 110 HOH A O    1 
HETATM 337 O  O    . HOH D 3 .  ? -6.69868  -5.70363 -10.86687 1.000 22.24547 ? 111 HOH A O    1 
HETATM 338 O  O    . HOH E 3 .  ? 10.61333  6.01243  1.43909   1.000 11.39614 ? 201 HOH B O    1 
HETATM 339 O  O    . HOH E 3 .  ? 9.41881   1.36419  0.38906   1.000 4.53128  ? 202 HOH B O    1 
HETATM 340 O  O    A HOH E 3 .  ? 8.29077   2.39321  7.31589   0.517 5.72797  ? 203 HOH B O    1 
HETATM 341 O  O    B HOH E 3 .  ? 8.43991   3.36836  7.99195   0.483 10.61660 ? 203 HOH B O    1 
HETATM 342 O  O    . HOH E 3 .  ? 8.19426   6.11949  0.31780   1.000 10.55196 ? 204 HOH B O    1 
HETATM 343 O  O    . HOH E 3 .  ? 7.75773   4.43690  -5.74092  1.000 14.15091 ? 205 HOH B O    1 
HETATM 344 O  O    . HOH E 3 .  ? 3.01583   8.47575  -3.12715  1.000 7.24950  ? 206 HOH B O    1 
HETATM 345 O  O    . HOH E 3 .  ? 3.01988   9.09519  -5.68353  1.000 7.04654  ? 207 HOH B O    1 
HETATM 346 O  O    . HOH E 3 .  ? 6.65063   7.19969  -4.13216  1.000 15.17606 ? 208 HOH B O    1 
HETATM 347 O  O    . HOH E 3 .  ? 5.20993   6.80893  -8.00185  1.000 5.79745  ? 209 HOH B O    1 
HETATM 348 O  O    . HOH E 3 .  ? 3.58100   8.43803  3.98097   1.000 21.11223 ? 210 HOH B O    1 
HETATM 349 O  O    . HOH E 3 .  ? 5.78054   9.02062  -5.89404  1.000 18.00520 ? 211 HOH B O    1 
HETATM 350 O  O    A HOH E 3 .  ? 13.52092  4.05718  0.55816   0.852 23.41744 ? 212 HOH B O    1 
HETATM 351 O  O    B HOH E 3 .  ? 13.01142  4.37413  0.64573   0.148 28.56815 ? 212 HOH B O    1 
# 
loop_
_atom_site_anisotrop.id 
_atom_site_anisotrop.type_symbol 
_atom_site_anisotrop.pdbx_label_atom_id 
_atom_site_anisotrop.pdbx_label_alt_id 
_atom_site_anisotrop.pdbx_label_comp_id 
_atom_site_anisotrop.pdbx_label_asym_id 
_atom_site_anisotrop.pdbx_label_seq_id 
_atom_site_anisotrop.pdbx_PDB_ins_code 
_atom_site_anisotrop.U[1][1] 
_atom_site_anisotrop.U[2][2] 
_atom_site_anisotrop.U[3][3] 
_atom_site_anisotrop.U[1][2] 
_atom_site_anisotrop.U[1][3] 
_atom_site_anisotrop.U[2][3] 
_atom_site_anisotrop.pdbx_auth_seq_id 
_atom_site_anisotrop.pdbx_auth_comp_id 
_atom_site_anisotrop.pdbx_auth_asym_id 
_atom_site_anisotrop.pdbx_auth_atom_id 
1   C  C   A ACE A 1  ? 0.02225 0.05753 0.04117 0.01370  0.00641  0.01302  1   ACE A C   
2   C  C   B ACE A 1  ? 0.02791 0.04485 0.03599 0.00625  0.00105  0.00295  1   ACE A C   
3   O  O   A ACE A 1  ? 0.03164 0.06404 0.04962 0.01788  0.00193  0.00984  1   ACE A O   
4   O  O   B ACE A 1  ? 0.03202 0.03855 0.03659 0.00757  -0.00439 0.00337  1   ACE A O   
13  N  N   . LEU A 2  ? 0.02791 0.05860 0.03483 0.01482  0.00315  0.00528  2   LEU A N   
14  C  CA  . LEU A 2  ? 0.02903 0.06135 0.03386 0.01317  0.00260  0.00315  2   LEU A CA  
15  C  C   . LEU A 2  ? 0.02214 0.06175 0.03133 0.01507  0.00307  0.00367  2   LEU A C   
16  O  O   . LEU A 2  ? 0.02782 0.06068 0.03495 0.01196  0.00089  0.00520  2   LEU A O   
17  C  CB  . LEU A 2  ? 0.03448 0.07778 0.03760 0.00784  0.00204  -0.00401 2   LEU A CB  
18  C  CG  . LEU A 2  ? 0.03788 0.10011 0.04857 0.00014  0.00949  -0.01075 2   LEU A CG  
19  C  CD1 . LEU A 2  ? 0.05522 0.09372 0.05051 -0.01000 0.01426  -0.01087 2   LEU A CD1 
20  C  CD2 . LEU A 2  ? 0.04289 0.12173 0.06690 0.00339  0.00729  -0.01580 2   LEU A CD2 
32  N  N   . AIB A 3  ? 0.02329 0.05659 0.03191 0.01688  0.00106  0.00552  3   AIB A N   
33  C  CA  . AIB A 3  ? 0.03018 0.05454 0.04062 0.01765  0.00428  0.00287  3   AIB A CA  
34  C  C   . AIB A 3  ? 0.03295 0.05377 0.03866 0.01539  0.00172  0.00227  3   AIB A C   
35  O  O   . AIB A 3  ? 0.03066 0.06836 0.04156 0.01697  0.00182  0.00141  3   AIB A O   
36  C  CB1 . AIB A 3  ? 0.04145 0.05231 0.04704 0.01991  0.00147  0.00373  3   AIB A CB1 
37  C  CB2 . AIB A 3  ? 0.02993 0.06072 0.04756 0.01941  0.00023  0.00397  3   AIB A CB2 
45  N  N   . GLU A 4  ? 0.02558 0.05132 0.03847 0.01167  0.00544  0.00319  4   GLU A N   
46  C  CA  . GLU A 4  ? 0.02159 0.05101 0.04655 0.00995  0.00357  0.00005  4   GLU A CA  
47  C  C   . GLU A 4  ? 0.01597 0.04922 0.03681 0.00988  0.00272  0.00098  4   GLU A C   
48  O  O   . GLU A 4  ? 0.02371 0.05329 0.04091 0.01378  0.00058  0.00085  4   GLU A O   
49  C  CB  . GLU A 4  ? 0.02596 0.05442 0.04930 0.00839  0.00768  0.00422  4   GLU A CB  
50  C  CG  . GLU A 4  ? 0.02372 0.06316 0.05435 0.00728  0.00414  0.00598  4   GLU A CG  
51  C  CD  . GLU A 4  ? 0.02594 0.07577 0.05492 0.00749  0.00057  0.00642  4   GLU A CD  
52  O  OE1 . GLU A 4  ? 0.03733 0.11298 0.05569 0.00954  0.00291  -0.00082 4   GLU A OE1 
53  O  OE2 . GLU A 4  ? 0.02407 0.06741 0.06150 0.00471  -0.00056 0.01282  4   GLU A OE2 
60  N  N   . AIB A 5  ? 0.02298 0.04621 0.03101 0.01044  0.00552  0.00197  5   AIB A N   
61  C  CA  . AIB A 5  ? 0.02756 0.04531 0.03348 0.01253  0.00450  -0.00188 5   AIB A CA  
62  C  C   . AIB A 5  ? 0.02705 0.04471 0.03499 0.00997  0.00399  0.00082  5   AIB A C   
63  O  O   . AIB A 5  ? 0.03215 0.05086 0.03781 0.01270  0.00130  0.00432  5   AIB A O   
64  C  CB1 . AIB A 5  ? 0.03024 0.04708 0.04301 0.01095  0.00324  -0.00228 5   AIB A CB1 
65  C  CB2 . AIB A 5  ? 0.03316 0.04975 0.04160 0.01855  0.00651  -0.00142 5   AIB A CB2 
73  N  N   . LEU A 6  ? 0.02194 0.04608 0.03631 0.00924  0.00775  0.00278  6   LEU A N   
74  C  CA  . LEU A 6  ? 0.02300 0.04679 0.03901 0.01066  0.00942  0.00522  6   LEU A CA  
75  C  C   . LEU A 6  ? 0.03107 0.04623 0.03972 0.01569  0.01100  0.00559  6   LEU A C   
76  O  O   . LEU A 6  ? 0.03979 0.05338 0.03932 0.01537  0.01083  0.00321  6   LEU A O   
77  C  CB  . LEU A 6  ? 0.02955 0.05302 0.04864 0.01074  0.00536  0.01007  6   LEU A CB  
78  C  CG  . LEU A 6  ? 0.03097 0.06575 0.06053 0.01416  0.01109  0.01100  6   LEU A CG  
79  C  CD1 . LEU A 6  ? 0.03678 0.07109 0.07979 0.01484  0.02108  0.01545  6   LEU A CD1 
80  C  CD2 . LEU A 6  ? 0.03464 0.07626 0.06879 0.01758  0.00511  0.01439  6   LEU A CD2 
92  N  N   A HIS A 7  ? 0.04419 0.04457 0.03803 0.01309  0.00950  -0.00216 7   HIS A N   
93  N  N   B HIS A 7  ? 0.04170 0.04508 0.04498 0.01122  0.00575  0.00541  7   HIS A N   
94  C  CA  A HIS A 7  ? 0.05147 0.04824 0.04252 0.01243  0.00688  -0.00498 7   HIS A CA  
95  C  CA  B HIS A 7  ? 0.05081 0.04484 0.05116 0.00727  0.00058  0.00670  7   HIS A CA  
96  C  C   A HIS A 7  ? 0.04475 0.05095 0.03718 0.01430  0.00803  -0.00290 7   HIS A C   
97  C  C   B HIS A 7  ? 0.04415 0.04976 0.04363 0.00991  0.00656  0.00214  7   HIS A C   
98  O  O   A HIS A 7  ? 0.04766 0.06526 0.03817 0.01994  0.00661  -0.00609 7   HIS A O   
99  O  O   B HIS A 7  ? 0.04736 0.05297 0.04403 0.01089  0.00817  0.00114  7   HIS A O   
100 C  CB  A HIS A 7  ? 0.07517 0.04788 0.05251 0.00480  0.00353  -0.00905 7   HIS A CB  
101 C  CB  B HIS A 7  ? 0.06788 0.03946 0.06405 0.00023  -0.00989 0.01293  7   HIS A CB  
102 C  CG  A HIS A 7  ? 0.05757 0.05909 0.06714 0.00829  -0.00220 -0.01101 7   HIS A CG  
103 C  CG  B HIS A 7  ? 0.07534 0.03681 0.07628 -0.00402 -0.02026 0.01878  7   HIS A CG  
104 N  ND1 A HIS A 7  ? 0.06629 0.07493 0.10686 0.01512  -0.00129 -0.02954 7   HIS A ND1 
105 N  ND1 B HIS A 7  ? 0.07677 0.03576 0.08144 -0.00714 -0.02249 0.01912  7   HIS A ND1 
106 C  CD2 A HIS A 7  ? 0.04466 0.05591 0.05575 0.00407  0.00401  -0.00878 7   HIS A CD2 
107 C  CD2 B HIS A 7  ? 0.08413 0.03745 0.08847 -0.00621 -0.02335 0.01778  7   HIS A CD2 
108 C  CE1 A HIS A 7  ? 0.05806 0.07285 0.10448 0.01407  -0.00674 -0.02653 7   HIS A CE1 
109 C  CE1 B HIS A 7  ? 0.08415 0.03516 0.08647 -0.00848 -0.02327 0.01970  7   HIS A CE1 
110 N  NE2 A HIS A 7  ? 0.03156 0.06220 0.07133 0.01006  -0.00872 -0.01284 7   HIS A NE2 
111 N  NE2 B HIS A 7  ? 0.08641 0.03637 0.08973 -0.00799 -0.02476 0.02033  7   HIS A NE2 
126 N  N   . SER A 8  ? 0.03331 0.05476 0.03690 0.01256  0.00991  -0.00195 8   SER A N   
127 C  CA  . SER A 8  ? 0.03105 0.05714 0.04256 0.01133  0.01100  -0.00017 8   SER A CA  
128 C  C   . SER A 8  ? 0.02980 0.05955 0.03706 0.01496  0.00832  0.00103  8   SER A C   
129 O  O   . SER A 8  ? 0.04056 0.07012 0.03804 0.01514  0.00386  0.00548  8   SER A O   
130 C  CB  . SER A 8  ? 0.03683 0.06937 0.06280 0.01051  0.01780  0.00151  8   SER A CB  
131 O  OG  . SER A 8  ? 0.05203 0.08527 0.09483 0.00641  0.02858  0.00400  8   SER A OG  
137 N  N   . AIB A 9  ? 0.03261 0.05299 0.03535 0.01350  0.00669  0.00274  9   AIB A N   
138 C  CA  . AIB A 9  ? 0.03731 0.05053 0.03765 0.01327  0.01144  0.00247  9   AIB A CA  
139 C  C   . AIB A 9  ? 0.03433 0.05103 0.03499 0.01300  0.00702  0.00121  9   AIB A C   
140 O  O   . AIB A 9  ? 0.04466 0.05320 0.03960 0.01614  0.01084  0.00508  9   AIB A O   
141 C  CB1 . AIB A 9  ? 0.04049 0.04552 0.04014 0.01005  0.01208  0.00341  9   AIB A CB1 
142 C  CB2 . AIB A 9  ? 0.04669 0.05526 0.04497 0.01782  0.01193  0.00210  9   AIB A CB2 
150 N  N   . LEU A 10 ? 0.03180 0.05015 0.03379 0.01220  0.00546  0.00049  10  LEU A N   
151 C  CA  . LEU A 10 ? 0.03371 0.05409 0.03360 0.01478  0.00716  -0.00257 10  LEU A CA  
152 C  C   . LEU A 10 ? 0.04769 0.05623 0.03686 0.01222  0.00670  -0.00058 10  LEU A C   
153 O  O   . LEU A 10 ? 0.04932 0.05740 0.03955 0.01458  0.00644  -0.00232 10  LEU A O   
154 C  CB  . LEU A 10 ? 0.04292 0.06038 0.04118 0.01871  0.00477  -0.00615 10  LEU A CB  
155 C  CG  . LEU A 10 ? 0.04464 0.06667 0.05378 0.02056  -0.00062 -0.00725 10  LEU A CG  
156 C  CD1 . LEU A 10 ? 0.05125 0.07370 0.07738 0.02562  -0.00264 -0.00862 10  LEU A CD1 
157 C  CD2 . LEU A 10 ? 0.05849 0.06987 0.06767 0.01209  -0.00927 -0.00366 10  LEU A CD2 
169 N  N   . NH2 A 11 ? 0.04269 0.07389 0.04739 0.00974  0.00917  -0.00409 11  NH2 A N   
172 C  C   A ACE B 1  ? 0.02379 0.04565 0.03205 0.01269  0.00554  -0.00176 1   ACE B C   
173 C  C   B ACE B 1  ? 0.02810 0.03700 0.03492 0.00689  -0.00163 0.00746  1   ACE B C   
174 O  O   A ACE B 1  ? 0.02995 0.04301 0.03824 0.01231  0.00849  -0.00386 1   ACE B O   
175 O  O   B ACE B 1  ? 0.03124 0.03359 0.03210 0.01151  0.00126  0.00357  1   ACE B O   
184 N  N   . LEU B 2  ? 0.02502 0.05458 0.03332 0.01006  0.00467  0.00491  2   LEU B N   
185 C  CA  . LEU B 2  ? 0.02494 0.05586 0.03909 0.00963  0.00285  0.00074  2   LEU B CA  
186 C  C   . LEU B 2  ? 0.01761 0.05501 0.03535 0.01084  0.00231  0.00110  2   LEU B C   
187 O  O   . LEU B 2  ? 0.03154 0.05378 0.03325 0.01489  0.00067  0.00094  2   LEU B O   
188 C  CB  . LEU B 2  ? 0.02974 0.06367 0.04181 0.00563  0.00495  0.00310  2   LEU B CB  
189 C  CG  . LEU B 2  ? 0.02897 0.07613 0.05278 0.00504  0.00435  0.00040  2   LEU B CG  
190 C  CD1 . LEU B 2  ? 0.04220 0.07770 0.06265 0.00515  -0.01055 -0.00302 2   LEU B CD1 
191 C  CD2 . LEU B 2  ? 0.03725 0.09522 0.06614 0.00795  0.00203  -0.00654 2   LEU B CD2 
203 N  N   . AIB B 3  ? 0.02300 0.05446 0.03361 0.01431  0.00411  0.00044  3   AIB B N   
204 C  CA  . AIB B 3  ? 0.02764 0.05261 0.03562 0.01577  0.00119  -0.00021 3   AIB B CA  
205 C  C   . AIB B 3  ? 0.03200 0.05040 0.03696 0.01004  0.00275  0.00017  3   AIB B C   
206 O  O   . AIB B 3  ? 0.03500 0.06251 0.03658 0.01441  0.00116  0.00517  3   AIB B O   
207 C  CB1 . AIB B 3  ? 0.03328 0.05129 0.04046 0.01683  -0.00085 -0.00071 3   AIB B CB1 
208 C  CB2 . AIB B 3  ? 0.02899 0.05519 0.03954 0.02030  0.00173  0.00022  3   AIB B CB2 
216 N  N   . GLU B 4  ? 0.02736 0.05074 0.03829 0.01040  0.00442  0.00310  4   GLU B N   
217 C  CA  . GLU B 4  ? 0.02215 0.05337 0.04490 0.01021  0.00400  0.00393  4   GLU B CA  
218 C  C   . GLU B 4  ? 0.01789 0.05223 0.03967 0.01145  0.00023  0.00563  4   GLU B C   
219 O  O   . GLU B 4  ? 0.02601 0.05892 0.04103 0.00878  0.00506  0.00836  4   GLU B O   
220 C  CB  . GLU B 4  ? 0.02720 0.06316 0.05587 0.00843  -0.00042 -0.00346 4   GLU B CB  
221 C  CG  . GLU B 4  ? 0.02246 0.08064 0.06379 0.00702  -0.00076 -0.01060 4   GLU B CG  
222 C  CD  . GLU B 4  ? 0.02268 0.08320 0.06399 0.00561  -0.00130 -0.01098 4   GLU B CD  
223 O  OE1 . GLU B 4  ? 0.02710 0.08065 0.06817 0.00584  -0.00146 -0.01074 4   GLU B OE1 
224 O  OE2 . GLU B 4  ? 0.02428 0.09297 0.06675 0.00248  0.00018  -0.01051 4   GLU B OE2 
231 N  N   . AIB B 5  ? 0.02339 0.05098 0.03641 0.01506  0.00541  0.00395  5   AIB B N   
232 C  CA  . AIB B 5  ? 0.03147 0.04738 0.04227 0.01606  0.00503  0.00664  5   AIB B CA  
233 C  C   . AIB B 5  ? 0.02679 0.04619 0.03876 0.00859  0.00658  0.00413  5   AIB B C   
234 O  O   . AIB B 5  ? 0.02970 0.05471 0.04108 0.01213  0.00871  -0.00035 5   AIB B O   
235 C  CB1 . AIB B 5  ? 0.04619 0.04303 0.04506 0.01151  0.00400  0.00545  5   AIB B CB1 
236 C  CB2 . AIB B 5  ? 0.03679 0.05673 0.04775 0.02290  0.00468  0.00622  5   AIB B CB2 
244 N  N   . LEU B 6  ? 0.02502 0.05058 0.03169 0.00780  0.00463  -0.00096 6   LEU B N   
245 C  CA  . LEU B 6  ? 0.02089 0.05363 0.03393 0.00922  0.00029  -0.00170 6   LEU B CA  
246 C  C   . LEU B 6  ? 0.02013 0.05228 0.03629 0.01184  0.00314  0.00150  6   LEU B C   
247 O  O   . LEU B 6  ? 0.02588 0.05639 0.04022 0.01177  0.00134  0.00493  6   LEU B O   
248 C  CB  . LEU B 6  ? 0.02467 0.05767 0.03985 0.00785  0.00244  -0.00127 6   LEU B CB  
249 C  CG  . LEU B 6  ? 0.02586 0.06068 0.05001 0.00503  0.00964  -0.00053 6   LEU B CG  
250 C  CD1 . LEU B 6  ? 0.02964 0.06467 0.05004 0.00433  0.01132  -0.00028 6   LEU B CD1 
251 C  CD2 . LEU B 6  ? 0.04754 0.06477 0.06741 -0.00294 0.01746  -0.01025 6   LEU B CD2 
263 N  N   . HIS B 7  ? 0.02609 0.04412 0.03715 0.01186  0.00373  0.00418  7   HIS B N   
264 C  CA  . HIS B 7  ? 0.03152 0.04210 0.04400 0.01187  0.00549  0.00688  7   HIS B CA  
265 C  C   . HIS B 7  ? 0.02773 0.04696 0.04200 0.01264  0.00411  0.00614  7   HIS B C   
266 O  O   . HIS B 7  ? 0.03899 0.05408 0.04563 0.01535  0.00903  0.00923  7   HIS B O   
267 C  CB  . HIS B 7  ? 0.04628 0.04375 0.05444 0.00919  0.00401  -0.00167 7   HIS B CB  
268 C  CG  . HIS B 7  ? 0.03600 0.04806 0.06833 0.00724  0.00711  -0.00256 7   HIS B CG  
269 N  ND1 . HIS B 7  ? 0.03835 0.05566 0.09380 0.01197  0.00916  0.00543  7   HIS B ND1 
270 C  CD2 . HIS B 7  ? 0.03181 0.05003 0.06878 0.00640  0.00871  -0.00117 7   HIS B CD2 
271 C  CE1 . HIS B 7  ? 0.03752 0.05711 0.08892 0.00589  0.00903  0.00636  7   HIS B CE1 
272 N  NE2 . HIS B 7  ? 0.03186 0.05189 0.06891 0.00355  0.00652  0.00136  7   HIS B NE2 
280 N  N   . SER B 8  ? 0.02427 0.04681 0.03986 0.01171  0.00297  0.00345  8   SER B N   
281 C  CA  . SER B 8  ? 0.02260 0.05191 0.03975 0.01200  0.00378  0.00333  8   SER B CA  
282 C  C   . SER B 8  ? 0.02206 0.05011 0.03498 0.01562  0.00485  0.00205  8   SER B C   
283 O  O   . SER B 8  ? 0.02652 0.05364 0.04053 0.01332  0.00599  0.00323  8   SER B O   
284 C  CB  . SER B 8  ? 0.02241 0.06065 0.04988 0.01557  -0.00259 0.00226  8   SER B CB  
285 O  OG  . SER B 8  ? 0.03052 0.06536 0.05895 0.01527  -0.00810 0.00474  8   SER B OG  
291 N  N   . AIB B 9  ? 0.02599 0.04459 0.03455 0.01415  0.00176  0.00414  9   AIB B N   
292 C  CA  . AIB B 9  ? 0.02780 0.04351 0.03487 0.01266  -0.00025 0.00111  9   AIB B CA  
293 C  C   . AIB B 9  ? 0.02157 0.04492 0.03458 0.00921  0.00316  0.00464  9   AIB B C   
294 O  O   . AIB B 9  ? 0.03348 0.04841 0.03623 0.00996  0.00288  0.00108  9   AIB B O   
295 C  CB1 . AIB B 9  ? 0.03756 0.04397 0.04037 0.00642  0.00262  0.00206  9   AIB B CB1 
296 C  CB2 . AIB B 9  ? 0.03511 0.04373 0.04329 0.01499  -0.00109 0.00247  9   AIB B CB2 
304 N  N   . LEU B 10 ? 0.02078 0.04674 0.03560 0.01233  0.00103  0.00300  10  LEU B N   
305 C  CA  . LEU B 10 ? 0.02030 0.04769 0.03835 0.01454  0.00102  0.00566  10  LEU B CA  
306 C  C   . LEU B 10 ? 0.03087 0.04946 0.03463 0.01334  0.00311  0.00283  10  LEU B C   
307 O  O   . LEU B 10 ? 0.04043 0.05057 0.03456 0.01610  0.00329  0.00511  10  LEU B O   
308 C  CB  . LEU B 10 ? 0.02389 0.05031 0.04475 0.01579  0.00486  0.00878  10  LEU B CB  
309 C  CG  . LEU B 10 ? 0.02450 0.05925 0.05360 0.01488  0.00616  0.01455  10  LEU B CG  
310 C  CD1 . LEU B 10 ? 0.03285 0.07114 0.05892 0.01880  0.01517  0.01460  10  LEU B CD1 
311 C  CD2 . LEU B 10 ? 0.02559 0.06443 0.07203 0.00955  0.00516  0.01598  10  LEU B CD2 
323 N  N   . NH2 B 11 ? 0.03350 0.05437 0.04018 0.00947  0.00208  0.00600  11  NH2 B N   
326 ZN ZN  . ZN  C .  ? 0.02371 0.05083 0.04889 0.00379  0.00083  0.00045  101 ZN  B ZN  
327 O  O   . HOH D .  ? 0.09079 0.29158 0.09200 0.05064  -0.01177 -0.04877 101 HOH A O   
328 O  O   . HOH D .  ? 0.14714 0.09697 0.14233 -0.00829 0.06806  -0.01450 102 HOH A O   
329 O  O   . HOH D .  ? 0.10868 0.37049 0.11268 -0.04446 -0.00161 -0.03926 103 HOH A O   
330 O  O   . HOH D .  ? 0.22340 0.18092 0.32530 0.07974  0.07677  0.02289  104 HOH A O   
331 O  O   . HOH D .  ? 0.05476 0.08953 0.06198 0.02701  0.01836  -0.00304 105 HOH A O   
332 O  O   . HOH D .  ? 0.14797 0.19133 0.18299 0.02549  0.00797  0.01594  106 HOH A O   
333 O  O   . HOH D .  ? 0.05559 0.17593 0.06526 0.03376  -0.00240 -0.01484 107 HOH A O   
334 O  O   . HOH D .  ? 0.35007 0.34046 0.33211 0.03133  0.01579  0.02000  108 HOH A O   
335 O  O   . HOH D .  ? 0.05464 0.13790 0.07487 0.03899  0.00152  0.01349  109 HOH A O   
336 O  O   . HOH D .  ? 0.30020 0.35024 0.22962 0.01041  0.08919  0.05971  110 HOH A O   
337 O  O   . HOH D .  ? 0.21405 0.21278 0.41839 -0.05357 -0.01666 0.06831  111 HOH A O   
338 O  O   . HOH E .  ? 0.08249 0.23600 0.11451 -0.03757 -0.02697 0.05359  201 HOH B O   
339 O  O   . HOH E .  ? 0.05067 0.06309 0.05841 0.01242  -0.00518 0.00453  202 HOH B O   
340 O  O   A HOH E .  ? 0.03962 0.08465 0.09338 -0.00522 -0.00419 0.02401  203 HOH B O   
341 O  O   B HOH E .  ? 0.07053 0.19567 0.13718 0.00160  -0.00373 0.09186  203 HOH B O   
342 O  O   . HOH E .  ? 0.10314 0.06843 0.22936 -0.00114 -0.07551 0.00667  204 HOH B O   
343 O  O   . HOH E .  ? 0.09115 0.27416 0.17236 -0.03186 0.00014  0.08679  205 HOH B O   
344 O  O   . HOH E .  ? 0.08766 0.07177 0.11601 0.01265  -0.00741 0.00497  206 HOH B O   
345 O  O   . HOH E .  ? 0.09920 0.06848 0.10005 -0.00865 -0.02386 0.00686  207 HOH B O   
346 O  O   . HOH E .  ? 0.15766 0.21945 0.19952 0.02057  0.04013  -0.01313 208 HOH B O   
347 O  O   . HOH E .  ? 0.03967 0.11914 0.06147 -0.00587 -0.00134 0.03114  209 HOH B O   
348 O  O   . HOH E .  ? 0.38488 0.20069 0.21660 0.12057  0.12612  0.03497  210 HOH B O   
349 O  O   . HOH E .  ? 0.15514 0.20317 0.32581 0.00709  0.09643  0.02559  211 HOH B O   
350 O  O   A HOH E .  ? 0.32799 0.28847 0.27330 -0.04633 0.03471  0.06138  212 HOH B O   
351 O  O   B HOH E .  ? 0.37653 0.35899 0.34995 -0.00905 0.00099  0.01186  212 HOH B O   
# 
